data_5ZER
#
_entry.id   5ZER
#
_cell.length_a   167.130
_cell.length_b   80.000
_cell.length_c   53.380
_cell.angle_alpha   90.00
_cell.angle_beta   91.27
_cell.angle_gamma   90.00
#
_symmetry.space_group_name_H-M   'C 1 2 1'
#
loop_
_entity.id
_entity.type
_entity.pdbx_description
1 polymer 'UDP-glucose:tetrahydrobiopterin glucosyltransferase'
2 non-polymer 7,8-DIHYDROBIOPTERIN
3 non-polymer GLYCEROL
4 water water
#
_entity_poly.entity_id   1
_entity_poly.type   'polypeptide(L)'
_entity_poly.pdbx_seq_one_letter_code
;TAHRFLFVSTPVGPLGSGRGGGVELTLPNLAKALTQRGHQVSVLAPAGSVLPDLPLETVPGTWQSTAQSHGRATPAEIPA
ESVLARLWDRAHQQQADFDLILNFAYDWLPLYLTPFFKTPVAHLIS(MSE)GSLSEV(MSE)DQAIATSLDRYPGSIAVH
SLAQAATFPFGDRCLCIGNALDLAAYGFNPEPEPVLGWVGRIAPEKGLEDAIQAAQQAGLPLRVWGALTEPDYWQRLQQQ
FGDRAVSYQGFVSTDELQRGLGRCQGLL(MSE)TPKWVEAFGNVAIEALACGLPVIAYARGGPLEIIEQGKSGWLVEPDQ
QAALVNAIGQLSSLDRAYCRAQAEARFSLAA(MSE)GQRLEAWLLPLLSR
;
_entity_poly.pdbx_strand_id   A,B
#
loop_
_chem_comp.id
_chem_comp.type
_chem_comp.name
_chem_comp.formula
GOL non-polymer GLYCEROL 'C3 H8 O3'
HBI non-polymer 7,8-DIHYDROBIOPTERIN 'C9 H13 N5 O3'
#
# COMPACT_ATOMS: atom_id res chain seq x y z
N THR A 1 8.60 -5.83 37.01
CA THR A 1 7.28 -5.50 36.37
C THR A 1 7.17 -6.24 35.03
N ALA A 2 6.22 -7.17 34.97
CA ALA A 2 5.92 -7.91 33.73
C ALA A 2 4.86 -7.16 32.91
N HIS A 3 4.83 -7.46 31.61
CA HIS A 3 3.96 -6.76 30.66
C HIS A 3 3.49 -7.75 29.61
N ARG A 4 2.50 -7.29 28.84
CA ARG A 4 1.87 -8.08 27.82
C ARG A 4 2.21 -7.53 26.45
N PHE A 5 2.69 -8.40 25.58
CA PHE A 5 3.16 -8.01 24.28
C PHE A 5 2.36 -8.73 23.21
N LEU A 6 2.22 -8.08 22.06
CA LEU A 6 1.58 -8.66 20.92
C LEU A 6 2.58 -8.65 19.76
N PHE A 7 2.89 -9.82 19.23
CA PHE A 7 3.85 -9.94 18.15
C PHE A 7 3.08 -10.20 16.86
N VAL A 8 3.31 -9.41 15.82
CA VAL A 8 2.57 -9.59 14.57
C VAL A 8 3.55 -10.07 13.50
N SER A 9 3.34 -11.26 13.02
CA SER A 9 4.30 -11.91 12.15
C SER A 9 4.38 -11.32 10.72
N THR A 10 5.21 -11.92 9.90
CA THR A 10 5.30 -11.58 8.49
C THR A 10 4.07 -12.01 7.64
N PRO A 11 3.61 -11.14 6.72
CA PRO A 11 2.55 -11.55 5.79
C PRO A 11 3.02 -12.29 4.55
N VAL A 12 4.31 -12.64 4.45
CA VAL A 12 4.75 -13.33 3.23
C VAL A 12 4.28 -14.75 3.20
N GLY A 13 4.21 -15.37 4.37
CA GLY A 13 3.67 -16.71 4.51
C GLY A 13 3.41 -17.14 5.95
N PRO A 14 2.73 -18.29 6.12
CA PRO A 14 2.51 -18.92 7.43
C PRO A 14 3.79 -19.19 8.18
N LEU A 15 3.73 -19.21 9.51
CA LEU A 15 4.79 -19.80 10.31
C LEU A 15 4.75 -21.33 10.19
N GLY A 16 5.90 -21.97 10.43
CA GLY A 16 6.06 -23.43 10.35
C GLY A 16 5.95 -24.01 8.94
N SER A 17 6.17 -23.17 7.94
CA SER A 17 6.06 -23.58 6.53
C SER A 17 7.38 -23.50 5.74
N GLY A 18 8.39 -22.78 6.25
CA GLY A 18 9.56 -22.35 5.45
C GLY A 18 9.41 -21.05 4.67
N ARG A 19 8.19 -20.55 4.50
CA ARG A 19 7.94 -19.37 3.64
C ARG A 19 8.22 -18.05 4.35
N GLY A 20 7.97 -18.02 5.67
CA GLY A 20 8.26 -16.85 6.51
C GLY A 20 9.71 -16.48 6.71
N GLY A 21 10.63 -17.28 6.18
CA GLY A 21 12.05 -16.98 6.24
C GLY A 21 12.60 -17.11 7.63
N GLY A 22 13.50 -16.20 7.98
CA GLY A 22 14.12 -16.15 9.30
C GLY A 22 13.25 -15.65 10.44
N VAL A 23 12.08 -15.11 10.09
CA VAL A 23 11.08 -14.73 11.08
C VAL A 23 10.55 -16.01 11.75
N GLU A 24 10.50 -17.10 10.98
CA GLU A 24 10.13 -18.43 11.50
C GLU A 24 10.97 -18.91 12.64
N LEU A 25 12.21 -18.44 12.72
CA LEU A 25 13.07 -18.64 13.87
C LEU A 25 13.11 -17.44 14.82
N THR A 26 13.09 -16.21 14.28
CA THR A 26 13.29 -15.03 15.13
C THR A 26 12.13 -14.79 16.08
N LEU A 27 10.92 -14.89 15.53
CA LEU A 27 9.69 -14.58 16.25
C LEU A 27 9.50 -15.48 17.51
N PRO A 28 9.52 -16.83 17.34
CA PRO A 28 9.49 -17.71 18.52
C PRO A 28 10.63 -17.44 19.52
N ASN A 29 11.85 -17.23 19.01
CA ASN A 29 13.01 -17.05 19.87
C ASN A 29 12.91 -15.78 20.72
N LEU A 30 12.52 -14.66 20.10
CA LEU A 30 12.37 -13.36 20.79
C LEU A 30 11.20 -13.39 21.75
N ALA A 31 10.12 -14.05 21.29
CA ALA A 31 8.97 -14.33 22.10
C ALA A 31 9.36 -15.11 23.36
N LYS A 32 10.03 -16.24 23.15
CA LYS A 32 10.48 -17.06 24.25
C LYS A 32 11.44 -16.33 25.21
N ALA A 33 12.23 -15.42 24.64
CA ALA A 33 13.18 -14.62 25.36
C ALA A 33 12.52 -13.62 26.25
N LEU A 34 11.26 -13.29 26.00
CA LEU A 34 10.48 -12.45 26.94
C LEU A 34 9.67 -13.28 27.94
N THR A 35 9.08 -14.41 27.50
CA THR A 35 8.24 -15.22 28.41
C THR A 35 9.11 -15.79 29.55
N GLN A 36 10.28 -16.35 29.21
CA GLN A 36 11.24 -16.82 30.23
C GLN A 36 11.79 -15.70 31.11
N ARG A 37 11.20 -14.50 31.02
CA ARG A 37 11.50 -13.37 31.90
C ARG A 37 10.23 -12.73 32.48
N GLY A 38 9.15 -13.51 32.54
CA GLY A 38 7.93 -13.07 33.22
C GLY A 38 6.83 -12.52 32.33
N HIS A 39 7.18 -12.13 31.10
CA HIS A 39 6.24 -11.42 30.25
C HIS A 39 5.28 -12.41 29.53
N GLN A 40 4.18 -11.89 29.02
CA GLN A 40 3.26 -12.68 28.19
C GLN A 40 3.37 -12.14 26.79
N VAL A 41 3.24 -13.05 25.82
CA VAL A 41 3.42 -12.72 24.43
C VAL A 41 2.40 -13.50 23.64
N SER A 42 1.67 -12.80 22.79
CA SER A 42 0.70 -13.43 21.90
C SER A 42 1.17 -13.17 20.49
N VAL A 43 0.65 -13.94 19.56
CA VAL A 43 1.07 -13.84 18.17
C VAL A 43 -0.13 -13.80 17.27
N LEU A 44 -0.11 -12.85 16.31
CA LEU A 44 -1.03 -12.77 15.18
C LEU A 44 -0.25 -13.14 13.93
N ALA A 45 -0.77 -14.03 13.10
CA ALA A 45 -0.03 -14.50 11.93
C ALA A 45 -0.98 -15.01 10.85
N PRO A 46 -0.48 -15.22 9.65
CA PRO A 46 -1.39 -15.67 8.62
C PRO A 46 -1.97 -17.08 8.81
N ALA A 47 -3.18 -17.29 8.26
CA ALA A 47 -3.83 -18.60 8.19
C ALA A 47 -2.82 -19.70 7.77
N GLY A 48 -2.77 -20.78 8.56
CA GLY A 48 -1.88 -21.91 8.30
C GLY A 48 -0.78 -22.02 9.33
N SER A 49 -0.58 -20.93 10.07
CA SER A 49 0.58 -20.79 10.95
C SER A 49 0.53 -21.82 12.07
N VAL A 50 1.72 -22.33 12.43
CA VAL A 50 1.87 -23.35 13.45
C VAL A 50 2.91 -22.82 14.37
N LEU A 51 2.59 -22.66 15.64
CA LEU A 51 3.54 -22.11 16.61
C LEU A 51 3.21 -22.54 18.06
N PRO A 52 4.03 -23.44 18.65
CA PRO A 52 3.68 -24.09 19.92
C PRO A 52 3.98 -23.25 21.14
N ASP A 53 3.32 -23.55 22.25
CA ASP A 53 3.58 -22.92 23.58
C ASP A 53 3.19 -21.46 23.69
N LEU A 54 2.57 -20.92 22.64
CA LEU A 54 2.33 -19.49 22.54
C LEU A 54 0.95 -19.26 21.94
N PRO A 55 0.15 -18.37 22.58
CA PRO A 55 -1.18 -18.03 22.07
C PRO A 55 -1.11 -17.52 20.65
N LEU A 56 -1.67 -18.25 19.70
CA LEU A 56 -1.57 -17.87 18.30
C LEU A 56 -2.98 -17.62 17.79
N GLU A 57 -3.22 -16.46 17.18
CA GLU A 57 -4.44 -16.20 16.42
C GLU A 57 -4.06 -16.03 14.94
N THR A 58 -4.76 -16.73 14.06
CA THR A 58 -4.39 -16.76 12.63
C THR A 58 -5.37 -15.92 11.87
N VAL A 59 -4.97 -15.44 10.67
CA VAL A 59 -5.78 -14.49 9.87
C VAL A 59 -5.84 -14.84 8.37
N PRO A 60 -7.04 -14.94 7.82
CA PRO A 60 -7.10 -15.27 6.39
C PRO A 60 -6.60 -14.13 5.51
N GLY A 61 -5.90 -14.46 4.44
CA GLY A 61 -5.78 -13.54 3.31
C GLY A 61 -4.69 -13.82 2.31
N THR A 62 -4.71 -13.05 1.22
CA THR A 62 -3.61 -13.00 0.27
C THR A 62 -2.33 -12.58 0.99
N TRP A 63 -1.26 -13.31 0.66
CA TRP A 63 0.08 -13.06 1.18
C TRP A 63 0.62 -11.85 0.49
N GLN A 64 1.57 -11.20 1.13
CA GLN A 64 2.21 -10.03 0.59
C GLN A 64 3.42 -10.48 -0.21
N SER A 65 3.61 -9.88 -1.38
CA SER A 65 4.80 -10.10 -2.21
C SER A 65 6.11 -9.75 -1.47
N THR A 66 7.11 -10.61 -1.59
CA THR A 66 8.40 -10.37 -0.96
C THR A 66 8.96 -9.04 -1.49
N ALA A 67 9.42 -8.21 -0.55
CA ALA A 67 9.92 -6.87 -0.86
C ALA A 67 11.18 -6.86 -1.74
N GLN A 68 12.07 -7.83 -1.56
CA GLN A 68 13.32 -7.94 -2.36
C GLN A 68 13.10 -8.11 -3.87
N SER A 69 11.96 -8.68 -4.25
CA SER A 69 11.58 -8.88 -5.64
C SER A 69 10.98 -7.63 -6.33
N HIS A 70 10.82 -6.55 -5.58
CA HIS A 70 10.39 -5.26 -6.12
C HIS A 70 11.61 -4.35 -6.21
N GLY A 71 11.58 -3.39 -7.13
CA GLY A 71 12.62 -2.37 -7.23
C GLY A 71 12.33 -1.19 -6.31
N ARG A 72 13.27 -0.24 -6.28
CA ARG A 72 13.28 0.89 -5.32
C ARG A 72 12.25 2.01 -5.53
N ALA A 73 11.84 2.20 -6.78
CA ALA A 73 10.86 3.22 -7.14
C ALA A 73 9.48 2.66 -7.10
N THR A 74 9.33 1.35 -6.85
CA THR A 74 7.99 0.72 -6.88
C THR A 74 7.14 1.08 -5.66
N PRO A 75 5.82 1.24 -5.87
CA PRO A 75 4.94 1.55 -4.75
C PRO A 75 4.76 0.39 -3.80
N ALA A 76 4.08 0.69 -2.70
CA ALA A 76 3.60 -0.30 -1.77
C ALA A 76 2.32 -0.84 -2.35
N GLU A 77 2.21 -2.16 -2.32
CA GLU A 77 1.04 -2.86 -2.84
C GLU A 77 0.27 -3.43 -1.63
N ILE A 78 -1.04 -3.25 -1.68
CA ILE A 78 -1.96 -3.84 -0.74
C ILE A 78 -2.99 -4.56 -1.59
N PRO A 79 -2.89 -5.90 -1.67
CA PRO A 79 -3.75 -6.63 -2.60
C PRO A 79 -5.14 -6.81 -2.03
N ALA A 80 -6.10 -7.26 -2.84
CA ALA A 80 -7.43 -7.54 -2.31
C ALA A 80 -7.27 -8.76 -1.43
N GLU A 81 -7.98 -8.72 -0.30
CA GLU A 81 -7.93 -9.76 0.71
C GLU A 81 -6.53 -9.91 1.33
N SER A 82 -5.86 -8.78 1.58
CA SER A 82 -4.50 -8.76 2.14
C SER A 82 -4.43 -9.25 3.58
N VAL A 83 -3.58 -10.25 3.80
CA VAL A 83 -3.35 -10.71 5.16
C VAL A 83 -2.66 -9.61 5.98
N LEU A 84 -1.83 -8.83 5.31
CA LEU A 84 -1.16 -7.74 5.98
C LEU A 84 -2.19 -6.78 6.55
N ALA A 85 -3.13 -6.32 5.75
CA ALA A 85 -4.07 -5.30 6.22
C ALA A 85 -4.98 -5.82 7.32
N ARG A 86 -5.43 -7.07 7.17
CA ARG A 86 -6.29 -7.68 8.17
C ARG A 86 -5.57 -7.94 9.52
N LEU A 87 -4.27 -8.21 9.46
CA LEU A 87 -3.49 -8.38 10.68
C LEU A 87 -3.52 -7.13 11.53
N TRP A 88 -3.31 -5.99 10.88
CA TRP A 88 -3.13 -4.71 11.60
C TRP A 88 -4.46 -4.11 12.00
N ASP A 89 -5.50 -4.50 11.29
CA ASP A 89 -6.84 -4.19 11.72
C ASP A 89 -7.20 -4.99 12.97
N ARG A 90 -6.88 -6.28 12.95
CA ARG A 90 -7.15 -7.10 14.11
C ARG A 90 -6.33 -6.68 15.31
N ALA A 91 -5.10 -6.22 15.08
CA ALA A 91 -4.24 -5.80 16.17
C ALA A 91 -4.80 -4.57 16.88
N HIS A 92 -5.30 -3.65 16.05
CA HIS A 92 -5.89 -2.41 16.52
C HIS A 92 -7.17 -2.69 17.29
N GLN A 93 -7.90 -3.75 16.89
CA GLN A 93 -9.06 -4.17 17.67
C GLN A 93 -8.71 -4.48 19.12
N GLN A 94 -7.62 -5.22 19.32
CA GLN A 94 -7.21 -5.68 20.66
C GLN A 94 -6.07 -4.88 21.30
N GLN A 95 -5.79 -3.70 20.77
CA GLN A 95 -4.62 -2.94 21.20
C GLN A 95 -4.54 -2.66 22.70
N ALA A 96 -5.70 -2.50 23.35
CA ALA A 96 -5.76 -2.18 24.79
C ALA A 96 -5.59 -3.43 25.68
N ASP A 97 -5.51 -4.62 25.08
CA ASP A 97 -5.10 -5.83 25.82
C ASP A 97 -3.57 -5.96 25.97
N PHE A 98 -2.80 -5.01 25.45
CA PHE A 98 -1.35 -5.12 25.51
C PHE A 98 -0.69 -3.80 25.81
N ASP A 99 0.53 -3.87 26.32
CA ASP A 99 1.30 -2.67 26.61
C ASP A 99 2.07 -2.18 25.40
N LEU A 100 2.47 -3.10 24.53
CA LEU A 100 3.24 -2.75 23.32
C LEU A 100 2.97 -3.79 22.26
N ILE A 101 3.03 -3.40 21.00
CA ILE A 101 2.83 -4.34 19.87
C ILE A 101 4.13 -4.27 19.13
N LEU A 102 4.63 -5.42 18.72
CA LEU A 102 5.88 -5.49 18.00
C LEU A 102 5.64 -6.08 16.65
N ASN A 103 6.03 -5.33 15.61
CA ASN A 103 5.78 -5.69 14.19
C ASN A 103 7.00 -6.37 13.65
N PHE A 104 6.86 -7.54 13.06
CA PHE A 104 7.97 -8.21 12.32
C PHE A 104 7.95 -8.07 10.81
N ALA A 105 6.96 -7.37 10.27
CA ALA A 105 6.79 -7.29 8.82
C ALA A 105 7.61 -6.14 8.25
N TYR A 106 8.31 -6.45 7.17
CA TYR A 106 9.03 -5.49 6.38
C TYR A 106 8.09 -4.91 5.36
N ASP A 107 7.22 -4.01 5.82
CA ASP A 107 6.23 -3.42 4.93
C ASP A 107 5.86 -2.01 5.39
N TRP A 108 5.41 -1.20 4.42
CA TRP A 108 4.99 0.18 4.67
C TRP A 108 3.89 0.31 5.72
N LEU A 109 2.86 -0.53 5.61
CA LEU A 109 1.62 -0.29 6.32
C LEU A 109 1.75 -0.25 7.84
N PRO A 110 2.46 -1.18 8.47
CA PRO A 110 2.54 -1.11 9.94
C PRO A 110 3.22 0.16 10.49
N LEU A 111 4.22 0.65 9.74
CA LEU A 111 4.96 1.88 10.03
C LEU A 111 4.08 3.11 9.87
N TYR A 112 3.40 3.21 8.72
CA TYR A 112 2.40 4.27 8.52
C TYR A 112 1.39 4.33 9.64
N LEU A 113 0.99 3.15 10.14
CA LEU A 113 -0.13 3.04 11.11
C LEU A 113 0.21 3.35 12.57
N THR A 114 1.49 3.57 12.88
CA THR A 114 1.98 3.74 14.25
C THR A 114 1.33 4.90 15.07
N PRO A 115 1.13 6.07 14.46
CA PRO A 115 0.40 7.13 15.18
C PRO A 115 -1.10 6.84 15.34
N PHE A 116 -1.64 6.01 14.47
CA PHE A 116 -3.05 5.63 14.53
C PHE A 116 -3.34 4.67 15.69
N PHE A 117 -2.32 4.09 16.29
CA PHE A 117 -2.45 3.28 17.53
C PHE A 117 -2.22 4.04 18.82
N LYS A 118 -3.08 3.80 19.80
CA LYS A 118 -2.80 4.29 21.14
C LYS A 118 -1.71 3.45 21.80
N THR A 119 -1.76 2.13 21.63
CA THR A 119 -0.69 1.27 22.19
C THR A 119 0.59 1.46 21.35
N PRO A 120 1.73 1.64 22.01
CA PRO A 120 3.03 1.70 21.33
C PRO A 120 3.27 0.55 20.32
N VAL A 121 3.78 0.90 19.14
CA VAL A 121 4.15 -0.10 18.13
C VAL A 121 5.64 0.01 17.98
N ALA A 122 6.35 -1.10 18.19
CA ALA A 122 7.79 -1.19 17.94
C ALA A 122 7.98 -2.01 16.67
N HIS A 123 9.00 -1.69 15.86
CA HIS A 123 9.21 -2.38 14.56
C HIS A 123 10.60 -3.02 14.50
N LEU A 124 10.65 -4.30 14.18
CA LEU A 124 11.94 -5.02 13.99
C LEU A 124 12.18 -5.15 12.49
N ILE A 125 13.01 -4.26 11.93
CA ILE A 125 13.27 -4.32 10.51
C ILE A 125 14.21 -5.51 10.28
N SER A 126 13.90 -6.32 9.27
CA SER A 126 14.59 -7.58 9.05
C SER A 126 15.47 -7.64 7.82
N MSE A 127 15.42 -6.63 6.96
CA MSE A 127 16.29 -6.59 5.75
C MSE A 127 16.84 -5.20 5.59
O MSE A 127 16.53 -4.30 6.38
CB MSE A 127 15.46 -7.04 4.55
CG MSE A 127 15.16 -8.52 4.62
SE MSE A 127 14.06 -9.00 3.09
CE MSE A 127 12.46 -7.96 3.52
N GLY A 128 17.72 -5.03 4.61
CA GLY A 128 18.42 -3.75 4.35
C GLY A 128 17.58 -2.94 3.38
N SER A 129 18.02 -1.72 3.10
CA SER A 129 17.32 -0.85 2.12
C SER A 129 16.81 -1.58 0.85
N LEU A 130 15.55 -1.36 0.53
CA LEU A 130 14.98 -1.92 -0.67
C LEU A 130 14.16 -0.95 -1.48
N SER A 131 13.44 -0.04 -0.82
CA SER A 131 12.57 0.90 -1.55
C SER A 131 12.60 2.31 -1.02
N GLU A 132 12.07 3.22 -1.83
CA GLU A 132 12.00 4.62 -1.44
C GLU A 132 10.82 4.81 -0.46
N VAL A 133 9.71 4.17 -0.75
CA VAL A 133 8.54 4.22 0.08
C VAL A 133 8.74 3.54 1.45
N MSE A 134 9.60 2.53 1.52
CA MSE A 134 9.85 1.86 2.80
C MSE A 134 10.87 2.63 3.61
O MSE A 134 10.75 2.70 4.83
CB MSE A 134 10.34 0.44 2.55
CG MSE A 134 10.54 -0.39 3.82
SE MSE A 134 8.87 -0.67 4.83
CE MSE A 134 9.78 -1.80 6.15
N ASP A 135 11.91 3.15 2.96
CA ASP A 135 12.94 3.90 3.62
C ASP A 135 12.38 5.19 4.25
N GLN A 136 11.50 5.88 3.53
CA GLN A 136 10.89 7.10 4.07
C GLN A 136 9.91 6.81 5.20
N ALA A 137 9.24 5.67 5.15
CA ALA A 137 8.33 5.28 6.22
C ALA A 137 9.03 5.02 7.57
N ILE A 138 10.13 4.30 7.50
CA ILE A 138 11.00 4.07 8.65
C ILE A 138 11.57 5.41 9.14
N ALA A 139 12.02 6.22 8.19
CA ALA A 139 12.57 7.53 8.51
C ALA A 139 11.58 8.42 9.29
N THR A 140 10.33 8.39 8.83
CA THR A 140 9.26 9.13 9.46
C THR A 140 9.05 8.64 10.88
N SER A 141 9.06 7.33 11.01
CA SER A 141 8.85 6.68 12.29
C SER A 141 9.95 7.00 13.26
N LEU A 142 11.19 7.00 12.78
CA LEU A 142 12.34 7.40 13.58
C LEU A 142 12.22 8.78 14.16
N ASP A 143 11.77 9.72 13.33
CA ASP A 143 11.65 11.13 13.72
C ASP A 143 10.67 11.31 14.85
N ARG A 144 9.48 10.78 14.64
CA ARG A 144 8.36 10.98 15.56
C ARG A 144 8.50 10.16 16.83
N TYR A 145 9.13 8.98 16.68
CA TYR A 145 9.22 7.92 17.68
C TYR A 145 10.65 7.39 17.74
N PRO A 146 11.60 8.24 18.19
CA PRO A 146 12.97 7.73 18.30
C PRO A 146 13.04 6.54 19.25
N GLY A 147 13.85 5.53 18.89
CA GLY A 147 14.09 4.36 19.67
C GLY A 147 13.10 3.26 19.33
N SER A 148 12.32 3.46 18.27
CA SER A 148 11.22 2.53 17.92
C SER A 148 11.63 1.45 16.93
N ILE A 149 12.75 1.65 16.24
CA ILE A 149 13.18 0.77 15.16
C ILE A 149 14.41 -0.01 15.58
N ALA A 150 14.37 -1.33 15.45
CA ALA A 150 15.49 -2.19 15.77
C ALA A 150 15.94 -2.99 14.55
N VAL A 151 17.23 -3.30 14.50
CA VAL A 151 17.83 -4.08 13.42
C VAL A 151 18.59 -5.30 13.97
N HIS A 152 18.86 -6.27 13.10
CA HIS A 152 19.68 -7.43 13.46
C HIS A 152 21.17 -7.18 13.34
N SER A 153 21.60 -6.37 12.37
CA SER A 153 23.05 -6.12 12.16
C SER A 153 23.36 -4.72 11.71
N LEU A 154 24.58 -4.27 12.05
CA LEU A 154 25.11 -2.96 11.62
C LEU A 154 25.32 -2.90 10.09
N ALA A 155 25.65 -4.06 9.49
CA ALA A 155 25.79 -4.24 8.04
C ALA A 155 24.51 -3.94 7.31
N GLN A 156 23.40 -4.38 7.90
CA GLN A 156 22.03 -4.07 7.47
C GLN A 156 21.65 -2.62 7.78
N ALA A 157 22.09 -2.07 8.92
CA ALA A 157 21.86 -0.67 9.26
C ALA A 157 22.58 0.26 8.28
N ALA A 158 23.81 -0.09 7.97
CA ALA A 158 24.63 0.61 6.98
C ALA A 158 23.96 0.80 5.61
N THR A 159 22.93 0.01 5.29
CA THR A 159 22.25 0.17 4.01
C THR A 159 21.32 1.39 4.01
N PHE A 160 20.90 1.84 5.19
CA PHE A 160 20.02 2.99 5.36
C PHE A 160 20.84 4.19 5.80
N PRO A 161 20.57 5.37 5.21
CA PRO A 161 21.03 6.70 5.67
C PRO A 161 20.89 6.91 7.18
N PHE A 162 19.75 6.52 7.72
CA PHE A 162 19.40 6.73 9.16
C PHE A 162 19.84 5.52 10.03
N GLY A 163 20.49 4.52 9.43
CA GLY A 163 21.00 3.35 10.15
C GLY A 163 21.61 3.59 11.53
N ASP A 164 22.30 4.71 11.68
CA ASP A 164 22.81 5.14 12.99
C ASP A 164 21.75 5.40 14.09
N ARG A 165 20.49 5.60 13.73
CA ARG A 165 19.39 5.84 14.70
C ARG A 165 18.52 4.59 15.00
N CYS A 166 18.80 3.50 14.31
CA CYS A 166 18.32 2.16 14.64
C CYS A 166 19.17 1.47 15.73
N LEU A 167 18.55 0.59 16.54
CA LEU A 167 19.26 -0.19 17.55
C LEU A 167 19.60 -1.54 16.97
N CYS A 168 20.79 -2.04 17.31
CA CYS A 168 21.17 -3.40 16.94
C CYS A 168 20.89 -4.32 18.12
N ILE A 169 19.87 -5.16 17.98
CA ILE A 169 19.59 -6.24 18.93
C ILE A 169 20.26 -7.58 18.54
N GLY A 170 20.97 -7.60 17.42
CA GLY A 170 21.63 -8.81 16.99
C GLY A 170 20.60 -9.88 16.74
N ASN A 171 20.90 -11.08 17.18
CA ASN A 171 19.92 -12.16 17.11
C ASN A 171 20.21 -13.17 18.20
N ALA A 172 19.22 -14.04 18.47
CA ALA A 172 19.37 -15.12 19.46
C ALA A 172 18.69 -16.42 19.01
N LEU A 173 19.01 -17.47 19.75
CA LEU A 173 18.35 -18.76 19.56
C LEU A 173 18.29 -19.55 20.86
N ASP A 174 17.40 -20.54 20.89
CA ASP A 174 17.16 -21.39 22.05
C ASP A 174 18.32 -22.41 22.09
N LEU A 175 19.27 -22.17 22.99
CA LEU A 175 20.53 -22.91 22.97
C LEU A 175 20.35 -24.38 23.37
N ALA A 176 19.41 -24.60 24.30
CA ALA A 176 19.05 -25.94 24.74
C ALA A 176 18.67 -26.91 23.59
N ALA A 177 18.16 -26.40 22.46
CA ALA A 177 17.91 -27.29 21.29
C ALA A 177 19.16 -27.80 20.50
N TYR A 178 20.30 -27.13 20.69
CA TYR A 178 21.56 -27.41 19.95
C TYR A 178 22.57 -28.11 20.89
N GLY A 179 23.10 -29.24 20.43
CA GLY A 179 24.03 -30.03 21.21
C GLY A 179 25.45 -29.66 20.85
N PHE A 180 26.20 -29.23 21.86
CA PHE A 180 27.63 -29.04 21.71
C PHE A 180 28.26 -30.37 21.39
N ASN A 181 29.12 -30.41 20.37
CA ASN A 181 29.81 -31.63 19.96
C ASN A 181 31.30 -31.24 19.86
N PRO A 182 32.14 -31.71 20.81
CA PRO A 182 33.58 -31.42 20.77
C PRO A 182 34.39 -32.34 19.85
N GLU A 183 33.79 -33.44 19.39
CA GLU A 183 34.52 -34.43 18.58
C GLU A 183 33.77 -34.68 17.27
N PRO A 184 34.07 -33.89 16.24
CA PRO A 184 33.42 -34.05 14.94
C PRO A 184 34.07 -35.10 14.04
N GLU A 185 33.28 -35.62 13.12
CA GLU A 185 33.74 -36.51 12.05
C GLU A 185 34.59 -35.75 11.03
N PRO A 186 35.45 -36.45 10.24
CA PRO A 186 36.21 -35.79 9.12
C PRO A 186 35.34 -35.32 7.93
N VAL A 187 34.48 -34.35 8.18
CA VAL A 187 33.55 -33.83 7.19
C VAL A 187 33.33 -32.31 7.34
N LEU A 188 32.81 -31.68 6.29
CA LEU A 188 32.48 -30.24 6.32
C LEU A 188 30.99 -30.06 6.04
N GLY A 189 30.43 -29.01 6.65
CA GLY A 189 29.03 -28.61 6.46
C GLY A 189 28.78 -27.50 5.44
N TRP A 190 27.55 -27.48 4.90
CA TRP A 190 27.02 -26.42 4.06
C TRP A 190 25.49 -26.50 4.19
N VAL A 191 24.83 -25.37 4.41
CA VAL A 191 23.40 -25.32 4.69
C VAL A 191 22.68 -24.31 3.81
N GLY A 192 21.54 -24.71 3.23
CA GLY A 192 20.67 -23.82 2.44
C GLY A 192 20.06 -24.43 1.17
N ARG A 193 19.24 -23.66 0.47
CA ARG A 193 18.58 -24.13 -0.75
C ARG A 193 19.57 -24.73 -1.75
N ILE A 194 19.21 -25.91 -2.29
CA ILE A 194 20.05 -26.67 -3.22
C ILE A 194 19.60 -26.32 -4.67
N ALA A 195 20.16 -25.26 -5.24
CA ALA A 195 19.80 -24.78 -6.57
C ALA A 195 21.05 -24.18 -7.25
N PRO A 196 20.98 -23.85 -8.56
CA PRO A 196 22.17 -23.18 -9.15
C PRO A 196 22.30 -21.74 -8.66
N GLU A 197 23.50 -21.17 -8.77
CA GLU A 197 23.77 -19.78 -8.36
C GLU A 197 23.40 -19.56 -6.89
N LYS A 198 23.87 -20.47 -6.01
CA LYS A 198 23.64 -20.35 -4.55
C LYS A 198 24.88 -20.62 -3.68
N GLY A 199 26.07 -20.74 -4.30
CA GLY A 199 27.30 -20.92 -3.54
C GLY A 199 27.83 -22.34 -3.36
N LEU A 200 27.01 -23.35 -3.69
CA LEU A 200 27.32 -24.76 -3.39
C LEU A 200 28.48 -25.34 -4.17
N GLU A 201 28.61 -25.03 -5.46
CA GLU A 201 29.71 -25.58 -6.31
C GLU A 201 31.08 -25.12 -5.83
N ASP A 202 31.12 -23.93 -5.21
CA ASP A 202 32.32 -23.41 -4.55
C ASP A 202 32.67 -24.29 -3.35
N ALA A 203 31.67 -24.58 -2.52
CA ALA A 203 31.88 -25.41 -1.32
C ALA A 203 32.23 -26.89 -1.63
N ILE A 204 31.67 -27.43 -2.73
CA ILE A 204 31.96 -28.80 -3.17
C ILE A 204 33.42 -28.88 -3.63
N GLN A 205 33.82 -27.90 -4.45
CA GLN A 205 35.15 -27.89 -5.05
C GLN A 205 36.21 -27.78 -3.95
N ALA A 206 36.04 -26.82 -3.04
CA ALA A 206 36.99 -26.60 -1.95
C ALA A 206 37.05 -27.74 -0.93
N ALA A 207 35.91 -28.38 -0.70
CA ALA A 207 35.87 -29.56 0.18
C ALA A 207 36.67 -30.73 -0.43
N GLN A 208 36.35 -31.06 -1.68
CA GLN A 208 36.99 -32.16 -2.41
C GLN A 208 38.49 -31.95 -2.42
N GLN A 209 38.92 -30.78 -2.86
CA GLN A 209 40.36 -30.43 -2.89
C GLN A 209 41.05 -30.57 -1.52
N ALA A 210 40.33 -30.18 -0.47
CA ALA A 210 40.82 -30.24 0.90
C ALA A 210 40.96 -31.67 1.43
N GLY A 211 40.27 -32.62 0.78
CA GLY A 211 40.28 -34.04 1.15
C GLY A 211 39.18 -34.42 2.15
N LEU A 212 38.11 -33.62 2.22
CA LEU A 212 37.01 -33.87 3.15
C LEU A 212 35.71 -33.91 2.36
N PRO A 213 34.83 -34.89 2.63
CA PRO A 213 33.52 -34.86 1.98
C PRO A 213 32.63 -33.78 2.60
N LEU A 214 31.74 -33.25 1.79
CA LEU A 214 30.85 -32.20 2.23
C LEU A 214 29.49 -32.79 2.51
N ARG A 215 28.88 -32.36 3.61
CA ARG A 215 27.49 -32.71 3.91
C ARG A 215 26.60 -31.48 3.76
N VAL A 216 25.46 -31.61 3.08
CA VAL A 216 24.55 -30.48 2.81
C VAL A 216 23.17 -30.58 3.52
N TRP A 217 22.49 -29.43 3.66
CA TRP A 217 21.18 -29.34 4.31
C TRP A 217 20.31 -28.31 3.62
N GLY A 218 19.18 -28.75 3.06
CA GLY A 218 18.15 -27.82 2.54
C GLY A 218 17.22 -28.34 1.46
N ALA A 219 16.37 -27.45 0.97
CA ALA A 219 15.35 -27.78 -0.03
C ALA A 219 15.95 -28.07 -1.38
N LEU A 220 15.61 -29.23 -1.93
CA LEU A 220 15.99 -29.61 -3.28
C LEU A 220 14.71 -29.64 -4.12
N THR A 221 14.54 -28.62 -4.96
CA THR A 221 13.39 -28.50 -5.89
C THR A 221 13.71 -29.15 -7.23
N GLU A 222 14.96 -29.08 -7.68
CA GLU A 222 15.33 -29.56 -9.01
C GLU A 222 16.34 -30.71 -8.95
N PRO A 223 15.84 -31.95 -8.89
CA PRO A 223 16.70 -33.15 -8.97
C PRO A 223 17.71 -33.20 -10.13
N ASP A 224 17.36 -32.69 -11.30
CA ASP A 224 18.29 -32.63 -12.43
C ASP A 224 19.59 -31.88 -12.07
N TYR A 225 19.44 -30.84 -11.25
CA TYR A 225 20.58 -30.09 -10.69
C TYR A 225 21.50 -30.96 -9.81
N TRP A 226 20.88 -31.78 -8.97
CA TRP A 226 21.63 -32.65 -8.08
C TRP A 226 22.43 -33.72 -8.82
N GLN A 227 21.80 -34.33 -9.82
CA GLN A 227 22.49 -35.36 -10.62
C GLN A 227 23.61 -34.73 -11.47
N ARG A 228 23.35 -33.53 -11.97
CA ARG A 228 24.35 -32.72 -12.67
C ARG A 228 25.57 -32.37 -11.78
N LEU A 229 25.32 -32.04 -10.50
CA LEU A 229 26.39 -31.87 -9.51
C LEU A 229 27.26 -33.13 -9.33
N GLN A 230 26.62 -34.30 -9.32
CA GLN A 230 27.33 -35.58 -9.15
C GLN A 230 28.19 -35.91 -10.39
N GLN A 231 27.63 -35.64 -11.57
CA GLN A 231 28.30 -35.86 -12.85
C GLN A 231 29.67 -35.22 -12.91
N GLN A 232 29.72 -33.91 -12.65
CA GLN A 232 30.95 -33.13 -12.77
C GLN A 232 31.87 -33.13 -11.55
N PHE A 233 31.40 -33.64 -10.41
CA PHE A 233 32.25 -33.74 -9.20
C PHE A 233 32.37 -35.23 -8.83
N GLY A 234 31.70 -35.69 -7.77
CA GLY A 234 31.78 -37.07 -7.32
C GLY A 234 30.56 -37.46 -6.52
N ASP A 235 30.24 -38.75 -6.54
CA ASP A 235 29.16 -39.28 -5.71
C ASP A 235 29.55 -39.21 -4.22
N ARG A 236 30.84 -39.38 -3.95
CA ARG A 236 31.39 -39.23 -2.59
C ARG A 236 31.36 -37.75 -2.10
N ALA A 237 31.64 -36.81 -3.01
CA ALA A 237 31.89 -35.38 -2.71
C ALA A 237 30.87 -34.63 -1.83
N VAL A 238 29.58 -34.85 -2.10
CA VAL A 238 28.49 -34.13 -1.46
C VAL A 238 27.44 -35.14 -0.99
N SER A 239 26.84 -34.92 0.19
CA SER A 239 25.83 -35.85 0.73
C SER A 239 24.57 -35.18 1.34
N TYR A 240 23.38 -35.48 0.79
CA TYR A 240 22.12 -34.97 1.33
C TYR A 240 21.93 -35.57 2.72
N GLN A 241 21.56 -34.73 3.68
CA GLN A 241 21.35 -35.17 5.07
C GLN A 241 19.98 -34.71 5.59
N GLY A 242 19.07 -34.47 4.65
CA GLY A 242 17.71 -34.12 4.99
C GLY A 242 17.49 -32.67 4.69
N PHE A 243 16.28 -32.22 5.03
CA PHE A 243 15.86 -30.82 4.96
C PHE A 243 16.50 -30.08 6.18
N VAL A 244 15.82 -29.10 6.78
CA VAL A 244 16.43 -28.23 7.81
C VAL A 244 15.87 -28.52 9.21
N SER A 245 14.54 -28.48 9.36
CA SER A 245 13.89 -28.52 10.68
C SER A 245 14.68 -27.63 11.66
N THR A 246 14.93 -28.10 12.86
CA THR A 246 15.94 -27.49 13.72
C THR A 246 16.67 -28.55 14.55
N ASP A 247 15.90 -29.47 15.14
CA ASP A 247 16.48 -30.61 15.84
C ASP A 247 17.26 -31.58 14.92
N GLU A 248 16.86 -31.74 13.65
CA GLU A 248 17.64 -32.54 12.68
C GLU A 248 18.94 -31.83 12.26
N LEU A 249 18.90 -30.50 12.23
CA LEU A 249 20.03 -29.69 11.83
C LEU A 249 21.14 -29.71 12.86
N GLN A 250 20.81 -29.44 14.11
CA GLN A 250 21.80 -29.47 15.18
C GLN A 250 22.40 -30.88 15.44
N ARG A 251 21.62 -31.93 15.18
CA ARG A 251 22.13 -33.31 15.19
C ARG A 251 23.23 -33.47 14.14
N GLY A 252 22.86 -33.25 12.89
CA GLY A 252 23.73 -33.46 11.76
C GLY A 252 24.89 -32.48 11.60
N LEU A 253 24.77 -31.28 12.16
CA LEU A 253 25.74 -30.21 11.90
C LEU A 253 26.95 -30.35 12.81
N GLY A 254 26.68 -30.51 14.11
CA GLY A 254 27.71 -30.73 15.12
C GLY A 254 28.79 -31.75 14.78
N ARG A 255 28.45 -32.75 13.97
CA ARG A 255 29.38 -33.79 13.53
C ARG A 255 30.45 -33.28 12.57
N CYS A 256 30.18 -32.19 11.84
CA CYS A 256 31.16 -31.60 10.90
C CYS A 256 32.28 -30.83 11.62
N GLN A 257 33.42 -30.75 10.93
CA GLN A 257 34.59 -29.99 11.42
C GLN A 257 34.38 -28.49 11.21
N GLY A 258 33.81 -28.13 10.05
CA GLY A 258 33.51 -26.74 9.73
C GLY A 258 32.26 -26.58 8.88
N LEU A 259 31.59 -25.43 9.02
CA LEU A 259 30.59 -24.99 8.07
C LEU A 259 31.21 -24.10 6.97
N LEU A 260 31.26 -24.59 5.74
CA LEU A 260 31.50 -23.74 4.60
C LEU A 260 30.24 -22.93 4.37
N MSE A 261 30.37 -21.61 4.46
CA MSE A 261 29.28 -20.69 4.20
C MSE A 261 29.70 -19.89 3.01
O MSE A 261 30.65 -19.12 3.10
CB MSE A 261 29.08 -19.89 5.47
CG MSE A 261 27.96 -18.89 5.36
SE MSE A 261 27.59 -18.60 7.27
CE MSE A 261 25.90 -17.60 7.18
N THR A 262 29.03 -20.08 1.88
CA THR A 262 29.42 -19.44 0.64
C THR A 262 28.28 -18.77 -0.11
N PRO A 263 27.40 -18.01 0.58
CA PRO A 263 26.26 -17.33 -0.08
C PRO A 263 26.63 -16.25 -1.14
N LYS A 264 25.65 -15.86 -1.97
CA LYS A 264 25.83 -14.80 -3.02
C LYS A 264 25.32 -13.43 -2.59
N TRP A 265 24.06 -13.35 -2.16
CA TRP A 265 23.51 -12.06 -1.71
C TRP A 265 24.40 -11.44 -0.63
N VAL A 266 24.31 -10.13 -0.49
CA VAL A 266 25.33 -9.35 0.20
C VAL A 266 25.11 -9.37 1.74
N GLU A 267 24.42 -10.39 2.24
CA GLU A 267 24.38 -10.63 3.69
C GLU A 267 24.41 -12.11 4.10
N ALA A 268 23.25 -12.78 4.13
CA ALA A 268 23.06 -14.09 4.77
C ALA A 268 23.48 -13.99 6.25
N PHE A 269 22.72 -13.20 7.01
CA PHE A 269 23.06 -12.86 8.43
C PHE A 269 23.82 -13.95 9.23
N GLY A 270 23.41 -15.22 9.17
CA GLY A 270 22.19 -15.68 8.51
C GLY A 270 21.61 -16.80 9.29
N ASN A 271 21.49 -16.61 10.61
CA ASN A 271 21.10 -17.65 11.56
C ASN A 271 22.07 -18.84 11.57
N VAL A 272 22.40 -19.37 10.39
CA VAL A 272 23.13 -20.64 10.23
C VAL A 272 24.51 -20.58 10.86
N ALA A 273 25.19 -19.46 10.68
CA ALA A 273 26.46 -19.22 11.34
C ALA A 273 26.31 -19.26 12.86
N ILE A 274 25.25 -18.65 13.38
CA ILE A 274 24.94 -18.67 14.81
C ILE A 274 24.62 -20.09 15.30
N GLU A 275 23.79 -20.78 14.52
CA GLU A 275 23.40 -22.15 14.81
C GLU A 275 24.62 -23.08 14.76
N ALA A 276 25.54 -22.81 13.84
CA ALA A 276 26.76 -23.62 13.73
C ALA A 276 27.59 -23.45 14.99
N LEU A 277 27.80 -22.21 15.43
CA LEU A 277 28.47 -21.93 16.72
C LEU A 277 27.80 -22.62 17.92
N ALA A 278 26.49 -22.71 17.88
CA ALA A 278 25.73 -23.35 18.96
C ALA A 278 26.08 -24.83 19.15
N CYS A 279 26.35 -25.52 18.04
CA CYS A 279 26.85 -26.89 18.06
C CYS A 279 28.37 -27.03 18.28
N GLY A 280 29.05 -25.90 18.61
CA GLY A 280 30.52 -25.80 18.59
C GLY A 280 31.19 -26.00 17.23
N LEU A 281 30.57 -25.49 16.16
CA LEU A 281 31.16 -25.53 14.79
C LEU A 281 31.85 -24.22 14.42
N PRO A 282 33.10 -24.31 13.94
CA PRO A 282 33.72 -23.13 13.34
C PRO A 282 33.16 -22.85 11.94
N VAL A 283 33.00 -21.56 11.63
CA VAL A 283 32.40 -21.11 10.37
C VAL A 283 33.49 -20.57 9.47
N ILE A 284 33.52 -21.06 8.25
CA ILE A 284 34.32 -20.45 7.22
C ILE A 284 33.37 -19.69 6.31
N ALA A 285 33.30 -18.38 6.51
CA ALA A 285 32.35 -17.56 5.74
C ALA A 285 33.06 -16.58 4.83
N TYR A 286 32.37 -16.22 3.74
CA TYR A 286 32.75 -15.06 2.93
C TYR A 286 32.77 -13.80 3.83
N ALA A 287 33.77 -12.96 3.63
CA ALA A 287 33.98 -11.82 4.51
C ALA A 287 33.07 -10.66 4.12
N ARG A 288 31.75 -10.83 4.27
CA ARG A 288 30.81 -9.76 3.90
C ARG A 288 29.47 -9.89 4.63
N GLY A 289 28.87 -8.76 4.91
CA GLY A 289 27.56 -8.73 5.54
C GLY A 289 27.49 -9.10 7.01
N GLY A 290 26.64 -10.08 7.29
CA GLY A 290 26.31 -10.49 8.64
C GLY A 290 27.47 -11.12 9.36
N PRO A 291 28.04 -12.23 8.80
CA PRO A 291 29.20 -12.94 9.39
C PRO A 291 30.40 -12.07 9.87
N LEU A 292 30.62 -10.87 9.29
CA LEU A 292 31.68 -9.97 9.75
C LEU A 292 31.54 -9.57 11.19
N GLU A 293 30.31 -9.52 11.70
CA GLU A 293 30.07 -9.26 13.14
C GLU A 293 29.62 -10.49 13.93
N ILE A 294 29.53 -11.64 13.27
CA ILE A 294 29.23 -12.91 13.93
C ILE A 294 30.54 -13.59 14.31
N ILE A 295 31.37 -13.88 13.31
CA ILE A 295 32.57 -14.68 13.48
C ILE A 295 33.71 -13.79 13.97
N GLU A 296 34.38 -14.22 15.04
CA GLU A 296 35.63 -13.61 15.50
C GLU A 296 36.80 -14.25 14.73
N GLN A 297 37.52 -13.44 13.93
CA GLN A 297 38.46 -13.92 12.91
C GLN A 297 39.62 -14.65 13.56
N GLY A 298 39.91 -15.86 13.11
CA GLY A 298 40.92 -16.68 13.76
C GLY A 298 40.59 -17.29 15.14
N LYS A 299 39.38 -17.12 15.67
CA LYS A 299 39.03 -17.80 16.96
C LYS A 299 37.74 -18.66 16.97
N SER A 300 36.66 -18.14 16.41
CA SER A 300 35.46 -18.92 16.17
C SER A 300 35.24 -19.23 14.68
N GLY A 301 36.17 -18.81 13.81
CA GLY A 301 35.99 -19.00 12.36
C GLY A 301 36.96 -18.26 11.49
N TRP A 302 36.73 -18.26 10.20
CA TRP A 302 37.63 -17.60 9.26
C TRP A 302 36.77 -16.85 8.25
N LEU A 303 37.02 -15.54 8.12
CA LEU A 303 36.35 -14.68 7.13
C LEU A 303 37.29 -14.65 5.94
N VAL A 304 36.82 -15.09 4.76
CA VAL A 304 37.71 -15.24 3.60
C VAL A 304 37.25 -14.45 2.40
N GLU A 305 38.16 -14.28 1.46
CA GLU A 305 37.93 -13.52 0.23
C GLU A 305 36.87 -14.23 -0.65
N PRO A 306 35.76 -13.54 -0.97
CA PRO A 306 34.68 -14.10 -1.79
C PRO A 306 35.10 -14.73 -3.11
N ASP A 307 34.31 -15.71 -3.55
CA ASP A 307 34.45 -16.37 -4.84
C ASP A 307 35.90 -16.80 -5.16
N GLN A 308 36.59 -17.38 -4.17
CA GLN A 308 38.00 -17.81 -4.35
C GLN A 308 38.30 -19.11 -3.62
N GLN A 309 38.69 -20.12 -4.42
CA GLN A 309 38.87 -21.51 -3.95
C GLN A 309 39.98 -21.64 -2.94
N ALA A 310 41.14 -21.10 -3.29
CA ALA A 310 42.34 -21.06 -2.43
C ALA A 310 42.07 -20.51 -1.04
N ALA A 311 41.15 -19.56 -0.94
CA ALA A 311 40.84 -18.90 0.31
C ALA A 311 40.03 -19.81 1.24
N LEU A 312 39.22 -20.68 0.66
CA LEU A 312 38.45 -21.66 1.42
C LEU A 312 39.36 -22.83 1.82
N VAL A 313 40.07 -23.37 0.84
CA VAL A 313 41.07 -24.43 1.08
C VAL A 313 42.06 -24.11 2.19
N ASN A 314 42.52 -22.85 2.25
CA ASN A 314 43.45 -22.39 3.31
C ASN A 314 42.77 -22.32 4.70
N ALA A 315 41.52 -21.85 4.72
CA ALA A 315 40.74 -21.80 5.96
C ALA A 315 40.44 -23.21 6.49
N ILE A 316 40.07 -24.13 5.58
CA ILE A 316 39.79 -25.53 5.94
C ILE A 316 41.04 -26.18 6.62
N GLY A 317 42.20 -26.03 5.97
CA GLY A 317 43.48 -26.48 6.55
C GLY A 317 43.93 -25.79 7.83
N GLN A 318 43.11 -24.85 8.36
CA GLN A 318 43.30 -24.17 9.63
C GLN A 318 42.10 -24.27 10.58
N LEU A 319 41.16 -25.18 10.30
CA LEU A 319 40.07 -25.44 11.23
C LEU A 319 40.51 -25.97 12.58
N SER A 320 41.60 -26.75 12.59
CA SER A 320 42.13 -27.38 13.81
C SER A 320 42.73 -26.37 14.79
N SER A 321 43.10 -25.19 14.31
CA SER A 321 43.56 -24.11 15.21
C SER A 321 42.47 -23.53 16.14
N LEU A 322 41.21 -23.92 15.89
CA LEU A 322 40.06 -23.23 16.49
C LEU A 322 39.42 -24.11 17.55
N ASP A 323 39.26 -23.53 18.74
CA ASP A 323 38.67 -24.24 19.85
C ASP A 323 37.15 -24.28 19.69
N ARG A 324 36.62 -25.47 19.45
CA ARG A 324 35.18 -25.72 19.37
C ARG A 324 34.45 -25.31 20.67
N ALA A 325 35.09 -25.54 21.82
CA ALA A 325 34.55 -25.04 23.13
C ALA A 325 34.32 -23.53 23.14
N TYR A 326 35.14 -22.80 22.39
CA TYR A 326 35.02 -21.37 22.30
C TYR A 326 33.83 -20.97 21.43
N CYS A 327 33.66 -21.66 20.30
CA CYS A 327 32.53 -21.37 19.42
C CYS A 327 31.21 -21.38 20.16
N ARG A 328 31.06 -22.37 21.06
CA ARG A 328 29.90 -22.52 21.91
C ARG A 328 29.80 -21.42 22.94
N ALA A 329 30.89 -21.05 23.57
CA ALA A 329 30.87 -19.99 24.58
C ALA A 329 30.47 -18.61 24.04
N GLN A 330 30.75 -18.33 22.75
CA GLN A 330 30.38 -17.06 22.10
C GLN A 330 28.96 -17.04 21.63
N ALA A 331 28.42 -18.22 21.30
CA ALA A 331 26.99 -18.41 21.03
C ALA A 331 26.19 -18.28 22.33
N GLU A 332 26.73 -18.83 23.41
CA GLU A 332 26.13 -18.71 24.75
C GLU A 332 26.10 -17.26 25.22
N ALA A 333 27.17 -16.52 24.90
CA ALA A 333 27.39 -15.17 25.40
C ALA A 333 26.62 -14.10 24.63
N ARG A 334 26.70 -14.20 23.31
CA ARG A 334 26.19 -13.18 22.42
C ARG A 334 24.83 -13.52 21.84
N PHE A 335 24.60 -14.80 21.54
CA PHE A 335 23.37 -15.24 20.87
C PHE A 335 22.40 -16.09 21.71
N SER A 336 22.25 -15.81 23.00
CA SER A 336 21.32 -16.56 23.84
C SER A 336 20.06 -15.76 24.10
N LEU A 337 18.97 -16.51 24.28
CA LEU A 337 17.68 -15.96 24.73
C LEU A 337 17.86 -15.14 26.01
N ALA A 338 18.65 -15.68 26.92
CA ALA A 338 18.95 -14.95 28.13
C ALA A 338 19.47 -13.59 27.70
N ALA A 339 20.45 -13.59 26.78
CA ALA A 339 21.09 -12.34 26.32
C ALA A 339 20.17 -11.42 25.50
N MSE A 340 19.28 -12.01 24.70
CA MSE A 340 18.33 -11.23 23.93
C MSE A 340 17.31 -10.52 24.77
O MSE A 340 16.83 -9.46 24.37
CB MSE A 340 17.64 -12.14 22.96
CG MSE A 340 16.50 -11.46 22.21
SE MSE A 340 17.18 -9.92 21.18
CE MSE A 340 17.81 -11.05 19.72
N GLY A 341 16.98 -11.10 25.92
CA GLY A 341 15.98 -10.59 26.82
C GLY A 341 16.31 -9.23 27.40
N GLN A 342 17.57 -9.02 27.74
CA GLN A 342 17.98 -7.72 28.28
C GLN A 342 17.97 -6.71 27.17
N ARG A 343 18.44 -7.11 25.99
CA ARG A 343 18.46 -6.21 24.86
C ARG A 343 17.03 -5.78 24.49
N LEU A 344 16.09 -6.73 24.43
CA LEU A 344 14.67 -6.43 24.16
C LEU A 344 14.03 -5.53 25.20
N GLU A 345 14.48 -5.69 26.43
CA GLU A 345 13.99 -4.87 27.52
C GLU A 345 14.64 -3.51 27.49
N ALA A 346 15.92 -3.47 27.13
CA ALA A 346 16.66 -2.19 26.94
C ALA A 346 15.99 -1.29 25.88
N TRP A 347 15.57 -1.96 24.81
CA TRP A 347 14.87 -1.37 23.71
C TRP A 347 13.37 -1.09 23.95
N LEU A 348 12.58 -2.04 24.44
CA LEU A 348 11.11 -1.89 24.48
C LEU A 348 10.50 -1.21 25.71
N LEU A 349 11.14 -1.34 26.87
CA LEU A 349 10.59 -0.79 28.12
C LEU A 349 10.56 0.74 28.16
N PRO A 350 11.56 1.42 27.55
CA PRO A 350 11.50 2.89 27.45
C PRO A 350 10.33 3.37 26.56
N LEU A 351 10.03 2.59 25.53
CA LEU A 351 8.91 2.86 24.61
C LEU A 351 7.50 2.80 25.27
N LEU A 352 7.36 2.04 26.36
CA LEU A 352 6.11 1.99 27.17
C LEU A 352 5.81 3.30 27.82
N SER A 353 4.56 3.76 27.69
CA SER A 353 4.09 5.04 28.29
C SER A 353 3.38 4.79 29.66
N ARG A 354 2.25 5.45 29.96
CA ARG A 354 1.53 5.33 31.26
C ARG A 354 2.41 5.66 32.47
N THR B 1 -27.26 23.93 16.88
CA THR B 1 -25.89 23.32 16.92
C THR B 1 -25.25 23.23 15.51
N ALA B 2 -24.29 24.11 15.27
CA ALA B 2 -23.47 24.09 14.07
C ALA B 2 -22.24 23.22 14.29
N HIS B 3 -22.00 22.35 13.33
CA HIS B 3 -20.95 21.37 13.38
C HIS B 3 -19.82 21.70 12.42
N ARG B 4 -18.64 21.16 12.73
CA ARG B 4 -17.40 21.47 12.04
C ARG B 4 -16.99 20.26 11.21
N PHE B 5 -16.76 20.48 9.93
CA PHE B 5 -16.45 19.45 8.98
C PHE B 5 -15.06 19.66 8.40
N LEU B 6 -14.46 18.53 8.05
CA LEU B 6 -13.21 18.48 7.34
C LEU B 6 -13.41 17.63 6.09
N PHE B 7 -13.22 18.25 4.93
CA PHE B 7 -13.31 17.56 3.68
C PHE B 7 -11.89 17.17 3.17
N VAL B 8 -11.64 15.88 2.98
CA VAL B 8 -10.37 15.46 2.43
C VAL B 8 -10.54 15.15 0.96
N SER B 9 -9.98 16.00 0.09
CA SER B 9 -10.21 15.89 -1.40
C SER B 9 -9.56 14.64 -2.06
N THR B 10 -9.73 14.51 -3.37
CA THR B 10 -9.08 13.47 -4.19
C THR B 10 -7.59 13.71 -4.26
N PRO B 11 -6.78 12.63 -4.36
CA PRO B 11 -5.32 12.67 -4.45
C PRO B 11 -4.76 12.51 -5.87
N VAL B 12 -5.62 12.51 -6.88
CA VAL B 12 -5.15 12.37 -8.26
C VAL B 12 -4.63 13.70 -8.78
N GLY B 13 -5.15 14.80 -8.22
CA GLY B 13 -4.69 16.12 -8.60
C GLY B 13 -5.20 17.29 -7.79
N PRO B 14 -4.53 18.46 -7.94
CA PRO B 14 -4.93 19.65 -7.17
C PRO B 14 -6.30 20.14 -7.55
N LEU B 15 -7.11 20.49 -6.56
CA LEU B 15 -8.37 21.20 -6.82
C LEU B 15 -8.13 22.45 -7.65
N GLY B 16 -8.89 22.57 -8.73
CA GLY B 16 -8.83 23.71 -9.63
C GLY B 16 -7.69 23.63 -10.62
N SER B 17 -7.12 22.45 -10.82
CA SER B 17 -6.19 22.21 -11.93
C SER B 17 -6.89 21.62 -13.16
N GLY B 18 -8.12 21.14 -12.98
CA GLY B 18 -8.85 20.43 -14.01
C GLY B 18 -8.59 18.94 -14.01
N ARG B 19 -7.59 18.53 -13.22
CA ARG B 19 -7.01 17.20 -13.23
C ARG B 19 -7.67 16.29 -12.17
N GLY B 20 -8.50 16.87 -11.30
CA GLY B 20 -9.25 16.08 -10.29
C GLY B 20 -10.66 15.68 -10.70
N GLY B 21 -10.95 15.83 -12.00
CA GLY B 21 -12.24 15.50 -12.56
C GLY B 21 -13.38 16.26 -11.89
N GLY B 22 -14.48 15.53 -11.67
CA GLY B 22 -15.71 16.08 -11.13
C GLY B 22 -15.70 16.39 -9.65
N VAL B 23 -14.68 15.92 -8.93
CA VAL B 23 -14.54 16.24 -7.51
C VAL B 23 -14.31 17.75 -7.29
N GLU B 24 -13.73 18.42 -8.30
CA GLU B 24 -13.40 19.86 -8.24
C GLU B 24 -14.65 20.72 -8.32
N LEU B 25 -15.76 20.14 -8.75
CA LEU B 25 -17.05 20.79 -8.73
C LEU B 25 -17.87 20.41 -7.50
N THR B 26 -17.88 19.13 -7.19
CA THR B 26 -18.75 18.62 -6.16
C THR B 26 -18.26 19.03 -4.78
N LEU B 27 -16.96 18.84 -4.53
CA LEU B 27 -16.36 19.20 -3.22
C LEU B 27 -16.66 20.65 -2.71
N PRO B 28 -16.48 21.67 -3.56
CA PRO B 28 -16.80 23.02 -3.14
C PRO B 28 -18.30 23.29 -3.06
N ASN B 29 -19.08 22.74 -3.99
CA ASN B 29 -20.55 22.81 -3.90
C ASN B 29 -21.17 22.13 -2.69
N LEU B 30 -20.73 20.91 -2.37
CA LEU B 30 -21.20 20.28 -1.11
C LEU B 30 -20.67 21.05 0.12
N ALA B 31 -19.50 21.68 -0.01
CA ALA B 31 -18.95 22.51 1.07
C ALA B 31 -19.82 23.75 1.26
N LYS B 32 -20.17 24.38 0.14
CA LYS B 32 -21.00 25.60 0.19
C LYS B 32 -22.41 25.31 0.68
N ALA B 33 -22.89 24.11 0.32
CA ALA B 33 -24.17 23.63 0.80
C ALA B 33 -24.32 23.58 2.32
N LEU B 34 -23.25 23.29 3.06
CA LEU B 34 -23.27 23.27 4.53
C LEU B 34 -22.91 24.60 5.18
N THR B 35 -22.00 25.33 4.56
CA THR B 35 -21.66 26.65 5.08
C THR B 35 -22.89 27.54 5.03
N GLN B 36 -23.69 27.46 3.96
CA GLN B 36 -24.93 28.21 3.90
C GLN B 36 -25.91 27.90 5.05
N ARG B 37 -25.83 26.71 5.63
CA ARG B 37 -26.63 26.39 6.81
C ARG B 37 -25.93 26.66 8.14
N GLY B 38 -24.85 27.44 8.11
CA GLY B 38 -24.14 27.84 9.33
C GLY B 38 -23.17 26.80 9.87
N HIS B 39 -22.81 25.82 9.04
CA HIS B 39 -21.75 24.89 9.40
C HIS B 39 -20.39 25.46 8.96
N GLN B 40 -19.35 25.03 9.67
CA GLN B 40 -17.98 25.32 9.28
C GLN B 40 -17.46 24.11 8.50
N VAL B 41 -16.78 24.39 7.42
CA VAL B 41 -16.26 23.36 6.56
C VAL B 41 -14.85 23.81 6.24
N SER B 42 -13.89 22.87 6.34
CA SER B 42 -12.49 23.15 6.05
C SER B 42 -12.04 22.07 5.12
N VAL B 43 -11.13 22.39 4.21
CA VAL B 43 -10.73 21.46 3.19
C VAL B 43 -9.26 21.14 3.37
N LEU B 44 -8.89 19.89 3.10
CA LEU B 44 -7.50 19.42 3.02
C LEU B 44 -7.33 18.76 1.65
N ALA B 45 -6.29 19.15 0.92
CA ALA B 45 -6.13 18.81 -0.50
C ALA B 45 -4.66 18.89 -0.93
N PRO B 46 -4.27 18.23 -2.02
CA PRO B 46 -2.88 18.28 -2.49
C PRO B 46 -2.32 19.68 -2.66
N ALA B 47 -0.99 19.77 -2.58
CA ALA B 47 -0.29 21.03 -2.78
C ALA B 47 -0.53 21.52 -4.19
N GLY B 48 -0.68 22.83 -4.35
CA GLY B 48 -1.08 23.45 -5.61
C GLY B 48 -2.57 23.70 -5.74
N SER B 49 -3.38 23.28 -4.76
CA SER B 49 -4.82 23.43 -4.85
C SER B 49 -5.26 24.86 -4.51
N VAL B 50 -6.36 25.31 -5.12
CA VAL B 50 -6.95 26.65 -4.94
C VAL B 50 -8.40 26.46 -4.54
N LEU B 51 -8.91 27.26 -3.62
CA LEU B 51 -10.33 27.17 -3.29
C LEU B 51 -10.78 28.46 -2.69
N PRO B 52 -11.64 29.25 -3.39
CA PRO B 52 -12.10 30.50 -2.80
C PRO B 52 -12.88 30.35 -1.50
N ASP B 53 -12.80 31.36 -0.65
CA ASP B 53 -13.64 31.50 0.57
C ASP B 53 -13.46 30.50 1.67
N LEU B 54 -12.72 29.43 1.44
CA LEU B 54 -12.79 28.28 2.30
C LEU B 54 -11.44 28.02 2.95
N PRO B 55 -11.44 27.78 4.28
CA PRO B 55 -10.23 27.40 4.94
C PRO B 55 -9.67 26.18 4.24
N LEU B 56 -8.54 26.35 3.53
CA LEU B 56 -7.88 25.24 2.80
C LEU B 56 -6.54 24.91 3.43
N GLU B 57 -6.17 23.66 3.55
CA GLU B 57 -4.82 23.26 3.96
C GLU B 57 -4.28 22.32 2.90
N THR B 58 -3.08 22.60 2.38
CA THR B 58 -2.51 21.73 1.36
C THR B 58 -1.26 21.00 1.82
N VAL B 59 -1.01 19.88 1.17
CA VAL B 59 0.11 19.01 1.46
C VAL B 59 0.77 18.52 0.16
N PRO B 60 2.09 18.65 0.06
CA PRO B 60 2.78 18.22 -1.16
C PRO B 60 3.04 16.73 -1.22
N GLY B 61 3.18 16.23 -2.43
CA GLY B 61 3.47 14.80 -2.62
C GLY B 61 3.06 14.23 -3.95
N THR B 62 3.35 12.94 -4.12
CA THR B 62 3.17 12.26 -5.38
C THR B 62 1.70 11.95 -5.54
N TRP B 63 1.17 12.29 -6.71
CA TRP B 63 -0.23 12.07 -7.00
C TRP B 63 -0.55 10.59 -7.15
N GLN B 64 -1.79 10.24 -6.82
CA GLN B 64 -2.29 8.88 -6.96
C GLN B 64 -2.67 8.64 -8.45
N SER B 65 -2.22 7.53 -9.02
CA SER B 65 -2.67 7.13 -10.37
C SER B 65 -4.18 7.08 -10.49
N THR B 66 -4.64 7.32 -11.72
CA THR B 66 -6.07 7.18 -12.05
C THR B 66 -6.49 5.69 -11.90
N ALA B 67 -7.68 5.46 -11.32
CA ALA B 67 -8.23 4.12 -11.09
C ALA B 67 -8.64 3.39 -12.38
N GLN B 68 -9.19 4.14 -13.35
CA GLN B 68 -9.52 3.61 -14.70
C GLN B 68 -8.28 3.34 -15.59
N SER B 69 -7.11 3.25 -14.95
CA SER B 69 -5.86 2.81 -15.56
C SER B 69 -5.39 1.42 -15.03
N HIS B 70 -6.16 0.79 -14.15
CA HIS B 70 -5.77 -0.48 -13.54
C HIS B 70 -6.93 -1.49 -13.62
N GLY B 71 -6.59 -2.80 -13.65
CA GLY B 71 -7.55 -3.92 -13.79
C GLY B 71 -8.57 -4.07 -12.67
N ARG B 72 -9.07 -5.28 -12.47
CA ARG B 72 -9.88 -5.55 -11.28
C ARG B 72 -9.10 -6.27 -10.19
N ALA B 73 -8.11 -7.08 -10.61
CA ALA B 73 -7.21 -7.79 -9.70
C ALA B 73 -6.00 -6.95 -9.28
N THR B 74 -5.91 -5.70 -9.71
CA THR B 74 -4.76 -4.85 -9.40
C THR B 74 -4.87 -4.29 -7.96
N PRO B 75 -3.76 -4.34 -7.22
CA PRO B 75 -3.81 -3.95 -5.82
C PRO B 75 -3.87 -2.44 -5.59
N ALA B 76 -4.11 -2.01 -4.36
CA ALA B 76 -4.02 -0.58 -4.01
C ALA B 76 -2.55 -0.18 -3.98
N GLU B 77 -2.23 0.97 -4.58
CA GLU B 77 -0.85 1.47 -4.73
C GLU B 77 -0.64 2.66 -3.79
N ILE B 78 0.41 2.61 -2.99
CA ILE B 78 0.81 3.78 -2.20
C ILE B 78 2.24 4.04 -2.60
N PRO B 79 2.47 5.03 -3.49
CA PRO B 79 3.85 5.28 -3.94
C PRO B 79 4.60 6.11 -2.92
N ALA B 80 5.91 6.24 -3.09
CA ALA B 80 6.71 7.10 -2.23
C ALA B 80 6.20 8.54 -2.25
N GLU B 81 6.30 9.16 -1.07
CA GLU B 81 5.81 10.50 -0.83
C GLU B 81 4.38 10.62 -1.34
N SER B 82 3.60 9.55 -1.12
CA SER B 82 2.18 9.55 -1.45
C SER B 82 1.54 10.79 -0.75
N VAL B 83 0.83 11.59 -1.55
CA VAL B 83 0.04 12.70 -1.04
C VAL B 83 -1.18 12.16 -0.30
N LEU B 84 -1.73 11.07 -0.79
CA LEU B 84 -2.89 10.50 -0.16
C LEU B 84 -2.56 10.13 1.28
N ALA B 85 -1.54 9.30 1.45
CA ALA B 85 -1.06 8.93 2.77
C ALA B 85 -0.83 10.15 3.70
N ARG B 86 -0.24 11.22 3.19
CA ARG B 86 0.03 12.41 3.99
C ARG B 86 -1.18 13.30 4.29
N LEU B 87 -2.10 13.34 3.31
CA LEU B 87 -3.40 13.90 3.53
C LEU B 87 -4.11 13.24 4.70
N TRP B 88 -3.97 11.91 4.84
CA TRP B 88 -4.78 11.20 5.85
C TRP B 88 -4.13 11.21 7.22
N ASP B 89 -2.81 11.13 7.18
CA ASP B 89 -1.99 11.31 8.36
C ASP B 89 -2.27 12.68 8.98
N ARG B 90 -2.53 13.64 8.08
CA ARG B 90 -2.75 15.02 8.49
C ARG B 90 -4.12 15.18 9.09
N ALA B 91 -5.10 14.52 8.48
CA ALA B 91 -6.43 14.54 8.99
C ALA B 91 -6.47 13.90 10.37
N HIS B 92 -5.85 12.73 10.50
CA HIS B 92 -5.69 12.06 11.79
C HIS B 92 -5.16 12.94 12.89
N GLN B 93 -4.16 13.75 12.56
CA GLN B 93 -3.56 14.68 13.53
C GLN B 93 -4.50 15.71 14.12
N GLN B 94 -5.43 16.20 13.31
CA GLN B 94 -6.37 17.24 13.72
C GLN B 94 -7.79 16.70 13.87
N GLN B 95 -7.97 15.39 13.93
CA GLN B 95 -9.32 14.85 13.96
C GLN B 95 -10.19 15.49 15.03
N ALA B 96 -9.62 15.77 16.21
CA ALA B 96 -10.40 16.36 17.33
C ALA B 96 -10.85 17.80 17.16
N ASP B 97 -10.38 18.49 16.11
CA ASP B 97 -10.86 19.84 15.79
C ASP B 97 -12.08 19.79 14.85
N PHE B 98 -12.70 18.62 14.70
CA PHE B 98 -13.80 18.44 13.77
C PHE B 98 -14.82 17.44 14.29
N ASP B 99 -16.08 17.61 13.91
CA ASP B 99 -17.18 16.69 14.29
C ASP B 99 -17.31 15.51 13.35
N LEU B 100 -16.94 15.70 12.08
CA LEU B 100 -16.93 14.61 11.11
C LEU B 100 -15.96 14.92 9.95
N ILE B 101 -15.50 13.86 9.29
CA ILE B 101 -14.54 13.92 8.21
C ILE B 101 -15.15 13.22 6.99
N LEU B 102 -15.37 13.97 5.93
CA LEU B 102 -15.91 13.43 4.70
C LEU B 102 -14.80 13.18 3.69
N ASN B 103 -14.76 12.00 3.07
CA ASN B 103 -13.68 11.65 2.13
C ASN B 103 -14.28 11.62 0.76
N PHE B 104 -13.59 12.19 -0.21
CA PHE B 104 -14.02 12.21 -1.59
C PHE B 104 -13.10 11.36 -2.46
N ALA B 105 -12.05 10.81 -1.88
CA ALA B 105 -11.12 9.96 -2.65
C ALA B 105 -11.66 8.55 -2.98
N TYR B 106 -11.52 8.17 -4.24
CA TYR B 106 -11.89 6.83 -4.67
C TYR B 106 -10.66 5.93 -4.48
N ASP B 107 -10.42 5.58 -3.21
CA ASP B 107 -9.14 5.02 -2.79
C ASP B 107 -9.31 4.13 -1.57
N TRP B 108 -8.48 3.10 -1.50
CA TRP B 108 -8.55 2.08 -0.47
C TRP B 108 -8.21 2.61 0.93
N LEU B 109 -7.11 3.32 1.05
CA LEU B 109 -6.58 3.76 2.35
C LEU B 109 -7.55 4.56 3.22
N PRO B 110 -8.21 5.59 2.66
CA PRO B 110 -9.14 6.30 3.55
C PRO B 110 -10.21 5.36 4.19
N LEU B 111 -10.71 4.41 3.38
CA LEU B 111 -11.75 3.50 3.82
C LEU B 111 -11.22 2.61 4.90
N TYR B 112 -10.09 1.97 4.60
CA TYR B 112 -9.32 1.18 5.55
C TYR B 112 -9.09 1.93 6.88
N LEU B 113 -8.72 3.21 6.84
CA LEU B 113 -8.48 3.97 8.07
C LEU B 113 -9.71 4.28 8.91
N THR B 114 -10.92 4.05 8.42
CA THR B 114 -12.12 4.51 9.14
C THR B 114 -12.17 4.15 10.64
N PRO B 115 -11.98 2.86 11.00
CA PRO B 115 -11.99 2.50 12.43
C PRO B 115 -10.83 3.08 13.24
N PHE B 116 -9.73 3.42 12.57
CA PHE B 116 -8.56 4.00 13.24
C PHE B 116 -8.82 5.43 13.73
N PHE B 117 -9.78 6.14 13.14
CA PHE B 117 -10.20 7.47 13.62
C PHE B 117 -11.27 7.48 14.73
N LYS B 118 -11.09 8.36 15.70
CA LYS B 118 -12.10 8.65 16.73
C LYS B 118 -13.26 9.49 16.16
N THR B 119 -12.92 10.55 15.42
CA THR B 119 -13.93 11.32 14.66
C THR B 119 -14.57 10.43 13.57
N PRO B 120 -15.92 10.50 13.39
CA PRO B 120 -16.58 9.73 12.34
C PRO B 120 -16.11 10.15 10.97
N VAL B 121 -15.81 9.16 10.13
CA VAL B 121 -15.33 9.34 8.81
C VAL B 121 -16.42 8.80 7.84
N ALA B 122 -17.12 9.71 7.16
CA ALA B 122 -18.07 9.37 6.08
C ALA B 122 -17.36 9.41 4.78
N HIS B 123 -17.85 8.70 3.77
CA HIS B 123 -17.20 8.59 2.46
C HIS B 123 -18.21 8.84 1.36
N LEU B 124 -17.86 9.65 0.37
CA LEU B 124 -18.70 9.86 -0.80
C LEU B 124 -18.00 9.16 -1.95
N ILE B 125 -18.55 8.04 -2.40
CA ILE B 125 -17.97 7.36 -3.56
C ILE B 125 -18.33 8.11 -4.85
N SER B 126 -17.37 8.21 -5.76
CA SER B 126 -17.47 9.01 -6.99
C SER B 126 -17.52 8.20 -8.30
N MSE B 127 -17.10 6.94 -8.28
CA MSE B 127 -17.13 6.11 -9.45
C MSE B 127 -17.80 4.79 -9.16
O MSE B 127 -18.06 4.46 -8.01
CB MSE B 127 -15.68 5.99 -9.85
CG MSE B 127 -15.23 7.36 -10.35
SE MSE B 127 -13.68 7.00 -11.45
CE MSE B 127 -12.36 6.28 -10.18
N GLY B 128 -18.14 4.03 -10.22
CA GLY B 128 -18.64 2.66 -10.07
C GLY B 128 -17.54 1.73 -9.57
N SER B 129 -17.87 0.44 -9.42
CA SER B 129 -16.85 -0.56 -9.04
C SER B 129 -15.83 -0.70 -10.15
N LEU B 130 -14.55 -0.58 -9.80
CA LEU B 130 -13.46 -0.82 -10.72
C LEU B 130 -12.46 -1.85 -10.28
N SER B 131 -12.36 -2.08 -8.97
CA SER B 131 -11.33 -2.91 -8.34
C SER B 131 -11.98 -3.81 -7.30
N GLU B 132 -11.36 -4.96 -7.07
CA GLU B 132 -11.84 -5.90 -6.04
C GLU B 132 -11.53 -5.40 -4.62
N VAL B 133 -10.28 -4.99 -4.40
CA VAL B 133 -9.86 -4.34 -3.16
C VAL B 133 -10.71 -3.13 -2.72
N MSE B 134 -11.12 -2.32 -3.70
CA MSE B 134 -11.89 -1.12 -3.43
C MSE B 134 -13.31 -1.47 -3.00
O MSE B 134 -13.80 -0.96 -2.00
CB MSE B 134 -11.77 -0.25 -4.69
CG MSE B 134 -12.22 1.22 -4.61
SE MSE B 134 -11.76 2.23 -2.98
CE MSE B 134 -13.36 3.34 -2.86
N ASP B 135 -13.97 -2.41 -3.71
CA ASP B 135 -15.34 -2.81 -3.36
C ASP B 135 -15.35 -3.48 -2.00
N GLN B 136 -14.36 -4.35 -1.77
CA GLN B 136 -14.18 -5.00 -0.46
C GLN B 136 -13.99 -4.01 0.71
N ALA B 137 -13.15 -2.99 0.51
CA ALA B 137 -12.99 -1.90 1.45
C ALA B 137 -14.24 -1.03 1.68
N ILE B 138 -15.05 -0.78 0.65
CA ILE B 138 -16.28 -0.01 0.84
C ILE B 138 -17.24 -0.87 1.67
N ALA B 139 -17.33 -2.14 1.28
CA ALA B 139 -18.22 -3.11 1.96
C ALA B 139 -17.87 -3.28 3.44
N THR B 140 -16.58 -3.41 3.73
CA THR B 140 -16.15 -3.55 5.12
C THR B 140 -16.54 -2.33 5.93
N SER B 141 -16.56 -1.15 5.30
CA SER B 141 -16.85 0.13 5.97
C SER B 141 -18.33 0.21 6.31
N LEU B 142 -19.15 -0.19 5.33
CA LEU B 142 -20.61 -0.33 5.52
C LEU B 142 -20.99 -1.23 6.70
N ASP B 143 -20.46 -2.47 6.61
CA ASP B 143 -20.68 -3.54 7.58
C ASP B 143 -20.44 -3.08 9.00
N ARG B 144 -19.33 -2.41 9.25
CA ARG B 144 -19.04 -1.85 10.58
C ARG B 144 -19.77 -0.57 10.88
N TYR B 145 -19.91 0.29 9.88
CA TYR B 145 -20.48 1.64 10.03
C TYR B 145 -21.55 1.80 8.95
N PRO B 146 -22.79 1.39 9.24
CA PRO B 146 -23.81 1.49 8.19
C PRO B 146 -24.27 2.94 7.96
N GLY B 147 -24.63 3.24 6.71
CA GLY B 147 -24.96 4.58 6.23
C GLY B 147 -23.78 5.49 5.91
N SER B 148 -22.57 5.04 6.24
CA SER B 148 -21.41 5.88 6.12
C SER B 148 -20.95 6.03 4.68
N ILE B 149 -21.50 5.23 3.75
CA ILE B 149 -21.20 5.40 2.32
C ILE B 149 -22.35 6.11 1.62
N ALA B 150 -22.02 6.89 0.59
CA ALA B 150 -23.00 7.54 -0.28
C ALA B 150 -22.54 7.51 -1.70
N VAL B 151 -23.48 7.80 -2.61
CA VAL B 151 -23.22 7.87 -4.05
C VAL B 151 -24.07 8.99 -4.69
N HIS B 152 -23.76 9.27 -5.96
CA HIS B 152 -24.50 10.24 -6.75
C HIS B 152 -25.64 9.54 -7.50
N SER B 153 -25.33 8.62 -8.43
CA SER B 153 -26.35 7.90 -9.23
C SER B 153 -26.66 6.47 -8.76
N LEU B 154 -27.85 6.01 -9.11
CA LEU B 154 -28.23 4.64 -8.87
C LEU B 154 -27.52 3.68 -9.82
N ALA B 155 -27.28 4.09 -11.06
CA ALA B 155 -26.47 3.28 -12.01
C ALA B 155 -25.00 3.11 -11.55
N GLN B 156 -24.56 4.05 -10.72
CA GLN B 156 -23.33 3.92 -9.95
C GLN B 156 -23.57 2.95 -8.78
N ALA B 157 -24.61 3.19 -7.97
CA ALA B 157 -24.93 2.25 -6.85
C ALA B 157 -25.10 0.76 -7.30
N ALA B 158 -25.69 0.56 -8.46
CA ALA B 158 -25.97 -0.79 -9.01
C ALA B 158 -24.75 -1.59 -9.47
N THR B 159 -23.60 -0.94 -9.62
CA THR B 159 -22.37 -1.66 -9.98
C THR B 159 -21.79 -2.33 -8.72
N PHE B 160 -22.35 -2.01 -7.54
CA PHE B 160 -21.98 -2.61 -6.25
C PHE B 160 -23.06 -3.61 -5.83
N PRO B 161 -22.65 -4.86 -5.46
CA PRO B 161 -23.53 -5.85 -4.81
C PRO B 161 -24.06 -5.42 -3.45
N PHE B 162 -23.37 -4.49 -2.78
CA PHE B 162 -23.88 -3.85 -1.54
C PHE B 162 -24.64 -2.56 -1.89
N GLY B 163 -24.67 -2.23 -3.19
CA GLY B 163 -25.36 -1.06 -3.78
C GLY B 163 -26.55 -0.42 -3.11
N ASP B 164 -27.50 -1.25 -2.68
CA ASP B 164 -28.72 -0.77 -1.98
C ASP B 164 -28.42 -0.28 -0.56
N ARG B 165 -27.22 -0.50 -0.06
CA ARG B 165 -26.86 -0.10 1.30
C ARG B 165 -26.19 1.30 1.32
N CYS B 166 -25.85 1.81 0.14
CA CYS B 166 -25.30 3.14 -0.01
C CYS B 166 -26.42 4.19 -0.08
N LEU B 167 -26.21 5.37 0.51
CA LEU B 167 -27.19 6.47 0.34
C LEU B 167 -27.06 7.09 -1.04
N CYS B 168 -28.10 7.78 -1.44
CA CYS B 168 -28.02 8.59 -2.62
C CYS B 168 -28.23 10.04 -2.22
N ILE B 169 -27.30 10.88 -2.68
CA ILE B 169 -27.46 12.33 -2.55
C ILE B 169 -27.61 13.01 -3.94
N GLY B 170 -27.25 12.29 -5.02
CA GLY B 170 -27.25 12.86 -6.35
C GLY B 170 -26.17 13.92 -6.42
N ASN B 171 -26.49 15.04 -7.06
CA ASN B 171 -25.47 16.04 -7.30
C ASN B 171 -26.06 17.41 -7.52
N ALA B 172 -25.37 18.43 -6.98
CA ALA B 172 -25.82 19.82 -7.06
C ALA B 172 -24.77 20.74 -7.66
N LEU B 173 -25.19 21.97 -7.91
CA LEU B 173 -24.26 23.05 -8.19
C LEU B 173 -24.86 24.37 -7.82
N ASP B 174 -23.95 25.34 -7.65
CA ASP B 174 -24.30 26.70 -7.25
C ASP B 174 -24.95 27.40 -8.43
N LEU B 175 -26.27 27.41 -8.42
CA LEU B 175 -27.04 27.91 -9.56
C LEU B 175 -26.76 29.40 -9.78
N ALA B 176 -26.73 30.16 -8.68
CA ALA B 176 -26.45 31.61 -8.69
C ALA B 176 -25.33 32.03 -9.67
N ALA B 177 -24.26 31.27 -9.76
CA ALA B 177 -23.13 31.63 -10.60
C ALA B 177 -23.22 31.21 -12.09
N TYR B 178 -24.36 30.66 -12.51
CA TYR B 178 -24.52 30.23 -13.91
C TYR B 178 -25.61 31.10 -14.53
N GLY B 179 -25.26 31.85 -15.57
CA GLY B 179 -26.22 32.75 -16.21
C GLY B 179 -26.89 32.03 -17.37
N PHE B 180 -28.21 31.88 -17.31
CA PHE B 180 -28.98 31.30 -18.42
C PHE B 180 -29.19 32.33 -19.53
N ASN B 181 -28.77 32.02 -20.74
CA ASN B 181 -28.94 32.89 -21.87
C ASN B 181 -29.78 32.17 -22.96
N PRO B 182 -30.76 32.86 -23.58
CA PRO B 182 -31.44 32.36 -24.80
C PRO B 182 -30.59 32.39 -26.07
N GLU B 183 -29.89 33.52 -26.28
CA GLU B 183 -28.97 33.72 -27.42
C GLU B 183 -28.08 32.49 -27.63
N PRO B 184 -28.35 31.68 -28.66
CA PRO B 184 -27.66 30.40 -28.76
C PRO B 184 -26.44 30.31 -29.71
N GLU B 185 -26.61 30.63 -30.99
CA GLU B 185 -25.55 30.60 -32.01
C GLU B 185 -24.97 29.18 -32.33
N PRO B 186 -24.83 28.84 -33.64
CA PRO B 186 -24.51 27.46 -34.11
C PRO B 186 -23.09 26.97 -33.80
N VAL B 187 -22.84 26.70 -32.52
CA VAL B 187 -21.49 26.50 -32.02
C VAL B 187 -21.17 25.08 -31.51
N LEU B 188 -21.95 24.59 -30.53
CA LEU B 188 -21.72 23.30 -29.82
C LEU B 188 -20.59 23.27 -28.77
N GLY B 189 -20.94 22.99 -27.51
CA GLY B 189 -19.98 22.84 -26.42
C GLY B 189 -19.50 21.42 -26.14
N TRP B 190 -18.34 21.31 -25.51
CA TRP B 190 -17.80 20.05 -24.97
C TRP B 190 -16.87 20.38 -23.79
N VAL B 191 -17.11 19.80 -22.63
CA VAL B 191 -16.44 20.23 -21.39
C VAL B 191 -15.90 19.04 -20.60
N GLY B 192 -14.58 18.95 -20.47
CA GLY B 192 -13.96 17.85 -19.72
C GLY B 192 -12.44 18.01 -19.63
N ARG B 193 -11.75 16.96 -19.20
CA ARG B 193 -10.31 16.87 -19.38
C ARG B 193 -10.10 16.32 -20.77
N ILE B 194 -9.37 17.08 -21.60
CA ILE B 194 -9.14 16.71 -23.00
C ILE B 194 -8.04 15.64 -23.10
N ALA B 195 -8.43 14.40 -22.78
CA ALA B 195 -7.50 13.27 -22.68
C ALA B 195 -7.14 12.70 -24.05
N PRO B 196 -6.26 11.69 -24.09
CA PRO B 196 -6.12 10.85 -25.29
C PRO B 196 -7.38 10.03 -25.68
N GLU B 197 -8.28 9.73 -24.73
CA GLU B 197 -9.53 9.01 -25.04
C GLU B 197 -10.62 9.33 -24.03
N LYS B 198 -11.27 10.47 -24.24
CA LYS B 198 -12.39 10.86 -23.39
C LYS B 198 -13.68 11.05 -24.21
N GLY B 199 -13.57 11.61 -25.41
CA GLY B 199 -14.72 11.74 -26.31
C GLY B 199 -14.48 12.78 -27.38
N LEU B 200 -13.39 12.61 -28.11
CA LEU B 200 -12.97 13.50 -29.19
C LEU B 200 -12.84 12.87 -30.60
N GLU B 201 -12.06 11.82 -30.90
CA GLU B 201 -11.66 10.65 -30.06
C GLU B 201 -12.79 9.91 -29.27
N ASP B 202 -14.04 9.77 -29.78
CA ASP B 202 -14.51 10.02 -31.17
C ASP B 202 -15.93 10.69 -31.25
N ALA B 203 -16.03 11.95 -30.77
CA ALA B 203 -17.27 12.77 -30.76
C ALA B 203 -17.23 13.99 -31.69
N ILE B 204 -16.08 14.65 -31.77
CA ILE B 204 -15.77 15.56 -32.89
C ILE B 204 -15.32 14.66 -34.03
N GLN B 205 -16.12 14.64 -35.09
CA GLN B 205 -16.27 13.49 -36.01
C GLN B 205 -17.77 13.36 -36.26
N ALA B 206 -18.55 13.60 -35.20
CA ALA B 206 -19.99 13.89 -35.28
C ALA B 206 -20.31 15.40 -35.13
N ALA B 207 -19.29 16.24 -34.97
CA ALA B 207 -19.43 17.69 -35.19
C ALA B 207 -19.59 18.06 -36.68
N GLN B 208 -19.28 17.13 -37.59
CA GLN B 208 -19.58 17.29 -39.02
C GLN B 208 -21.07 17.47 -39.34
N GLN B 209 -21.95 16.99 -38.47
CA GLN B 209 -23.41 17.00 -38.69
C GLN B 209 -23.94 18.15 -39.56
N ALA B 210 -23.47 19.38 -39.28
CA ALA B 210 -23.75 20.55 -40.10
C ALA B 210 -22.45 21.36 -40.21
N GLY B 211 -21.36 20.62 -40.39
CA GLY B 211 -19.98 21.10 -40.19
C GLY B 211 -19.79 22.01 -39.00
N LEU B 212 -20.48 21.74 -37.88
CA LEU B 212 -20.49 22.69 -36.76
C LEU B 212 -19.20 22.65 -35.97
N PRO B 213 -18.75 23.83 -35.48
CA PRO B 213 -17.36 23.95 -34.99
C PRO B 213 -17.00 23.06 -33.79
N LEU B 214 -17.79 23.14 -32.72
CA LEU B 214 -17.49 22.51 -31.42
C LEU B 214 -16.46 23.31 -30.63
N ARG B 215 -16.97 24.25 -29.82
CA ARG B 215 -16.13 25.05 -28.92
C ARG B 215 -15.77 24.18 -27.70
N VAL B 216 -14.49 23.86 -27.52
CA VAL B 216 -13.99 22.89 -26.50
C VAL B 216 -13.40 23.57 -25.25
N TRP B 217 -14.01 23.35 -24.08
CA TRP B 217 -13.46 23.77 -22.78
C TRP B 217 -12.78 22.61 -22.08
N GLY B 218 -11.99 22.95 -21.06
CA GLY B 218 -11.22 21.96 -20.31
C GLY B 218 -9.80 22.36 -20.05
N ALA B 219 -9.23 21.81 -19.00
CA ALA B 219 -7.82 22.01 -18.70
C ALA B 219 -7.00 21.22 -19.71
N LEU B 220 -6.10 21.92 -20.42
CA LEU B 220 -5.15 21.31 -21.37
C LEU B 220 -3.96 20.73 -20.61
N THR B 221 -3.72 19.41 -20.74
CA THR B 221 -2.57 18.78 -20.10
C THR B 221 -1.31 19.23 -20.85
N GLU B 222 -0.15 18.84 -20.31
CA GLU B 222 1.16 19.30 -20.82
C GLU B 222 1.53 18.74 -22.22
N PRO B 223 1.24 17.44 -22.50
CA PRO B 223 1.56 16.90 -23.84
C PRO B 223 0.64 17.36 -25.00
N ASP B 224 0.95 16.87 -26.21
CA ASP B 224 0.23 17.21 -27.44
C ASP B 224 -0.58 16.00 -27.98
N TYR B 225 -1.12 16.11 -29.20
CA TYR B 225 -2.25 15.29 -29.67
C TYR B 225 -2.55 15.64 -31.16
N TRP B 226 -3.78 16.07 -31.48
CA TRP B 226 -4.08 17.21 -32.40
C TRP B 226 -4.82 16.86 -33.72
N GLN B 227 -4.27 17.19 -34.89
CA GLN B 227 -5.09 17.57 -36.06
C GLN B 227 -5.64 16.45 -36.93
N ARG B 228 -6.96 16.29 -36.88
CA ARG B 228 -7.73 15.50 -37.85
C ARG B 228 -8.95 16.33 -38.25
N LEU B 229 -9.25 16.31 -39.55
CA LEU B 229 -10.19 17.26 -40.21
C LEU B 229 -9.60 18.68 -40.26
N GLN B 230 -9.06 19.04 -41.43
CA GLN B 230 -8.40 20.34 -41.67
C GLN B 230 -9.41 21.37 -42.15
N ARG B 236 -9.59 22.00 -38.89
CA ARG B 236 -9.23 23.09 -38.00
C ARG B 236 -10.32 24.18 -37.89
N ALA B 237 -11.56 23.81 -38.25
CA ALA B 237 -12.73 24.64 -37.98
C ALA B 237 -13.13 24.59 -36.50
N VAL B 238 -12.48 23.72 -35.70
CA VAL B 238 -12.79 23.50 -34.26
C VAL B 238 -12.29 24.65 -33.36
N SER B 239 -13.18 25.62 -33.08
CA SER B 239 -12.94 26.67 -32.08
C SER B 239 -12.44 26.04 -30.78
N TYR B 240 -11.37 26.59 -30.21
CA TYR B 240 -10.80 26.10 -28.94
C TYR B 240 -11.07 27.05 -27.79
N GLN B 241 -10.84 26.53 -26.58
CA GLN B 241 -10.72 27.36 -25.39
C GLN B 241 -9.69 26.67 -24.49
N GLY B 242 -9.27 27.42 -23.47
CA GLY B 242 -8.36 26.93 -22.44
C GLY B 242 -9.15 26.50 -21.23
N PHE B 243 -8.59 26.70 -20.03
CA PHE B 243 -9.23 26.24 -18.80
C PHE B 243 -10.23 27.28 -18.28
N VAL B 244 -9.75 28.29 -17.55
CA VAL B 244 -10.57 29.43 -17.06
C VAL B 244 -11.63 29.06 -16.03
N SER B 245 -11.96 30.03 -15.17
CA SER B 245 -12.93 29.85 -14.09
C SER B 245 -14.29 29.46 -14.62
N THR B 246 -15.12 28.97 -13.71
CA THR B 246 -16.48 28.55 -14.04
C THR B 246 -17.31 29.70 -14.63
N ASP B 247 -17.09 30.93 -14.16
CA ASP B 247 -17.88 32.08 -14.62
C ASP B 247 -17.50 32.48 -16.05
N GLU B 248 -16.25 32.30 -16.40
CA GLU B 248 -15.81 32.49 -17.80
C GLU B 248 -16.25 31.29 -18.65
N LEU B 249 -16.18 30.08 -18.08
CA LEU B 249 -16.74 28.87 -18.73
C LEU B 249 -18.21 29.05 -19.13
N GLN B 250 -19.03 29.44 -18.15
CA GLN B 250 -20.47 29.44 -18.32
C GLN B 250 -20.99 30.44 -19.36
N ARG B 251 -20.34 31.60 -19.45
CA ARG B 251 -20.71 32.59 -20.46
C ARG B 251 -20.40 31.99 -21.83
N GLY B 252 -19.20 31.43 -21.97
CA GLY B 252 -18.73 30.83 -23.21
C GLY B 252 -19.53 29.59 -23.59
N LEU B 253 -19.98 28.85 -22.58
CA LEU B 253 -20.80 27.63 -22.77
C LEU B 253 -22.26 27.94 -23.11
N GLY B 254 -22.91 28.68 -22.21
CA GLY B 254 -24.30 29.06 -22.37
C GLY B 254 -24.71 29.46 -23.77
N ARG B 255 -23.81 30.13 -24.47
CA ARG B 255 -24.00 30.47 -25.87
C ARG B 255 -23.49 29.32 -26.79
N CYS B 256 -23.94 28.10 -26.52
CA CYS B 256 -23.87 27.00 -27.48
C CYS B 256 -25.30 26.58 -27.81
N GLN B 257 -25.48 25.87 -28.93
CA GLN B 257 -26.80 25.29 -29.24
C GLN B 257 -27.02 23.99 -28.46
N GLY B 258 -25.99 23.15 -28.35
CA GLY B 258 -26.04 21.95 -27.50
C GLY B 258 -24.68 21.48 -26.99
N LEU B 259 -24.66 20.85 -25.82
CA LEU B 259 -23.44 20.21 -25.28
C LEU B 259 -23.42 18.71 -25.57
N LEU B 260 -22.27 18.19 -25.97
CA LEU B 260 -22.09 16.77 -26.21
C LEU B 260 -21.42 16.10 -24.99
N MSE B 261 -21.78 14.85 -24.74
CA MSE B 261 -21.07 13.98 -23.78
C MSE B 261 -20.93 12.64 -24.43
O MSE B 261 -21.89 12.12 -24.98
CB MSE B 261 -21.84 13.82 -22.48
CG MSE B 261 -22.10 15.18 -21.82
SE MSE B 261 -22.78 15.05 -19.96
CE MSE B 261 -21.61 13.58 -19.34
N THR B 262 -19.73 12.07 -24.41
CA THR B 262 -19.49 10.75 -25.00
C THR B 262 -18.47 9.91 -24.21
N PRO B 263 -18.51 9.94 -22.86
CA PRO B 263 -17.47 9.18 -22.16
C PRO B 263 -17.60 7.69 -22.39
N LYS B 264 -16.57 6.95 -22.02
CA LYS B 264 -16.59 5.49 -22.00
C LYS B 264 -17.08 4.99 -20.64
N TRP B 265 -17.80 3.87 -20.66
CA TRP B 265 -18.41 3.32 -19.47
C TRP B 265 -18.72 1.84 -19.66
N PHE B 269 -19.69 10.25 -13.20
CA PHE B 269 -20.04 11.67 -13.10
C PHE B 269 -18.82 12.57 -13.33
N GLY B 270 -18.82 13.40 -14.38
CA GLY B 270 -19.93 13.55 -15.33
C GLY B 270 -21.07 14.44 -14.84
N ASN B 271 -20.81 15.27 -13.84
CA ASN B 271 -21.74 16.36 -13.45
C ASN B 271 -21.39 17.65 -14.24
N VAL B 272 -21.16 17.49 -15.54
CA VAL B 272 -20.95 18.59 -16.47
C VAL B 272 -22.29 18.88 -17.12
N ALA B 273 -22.95 17.84 -17.60
CA ALA B 273 -24.34 17.90 -17.99
C ALA B 273 -25.06 18.99 -17.22
N ILE B 274 -24.96 18.88 -15.90
CA ILE B 274 -25.68 19.72 -14.94
C ILE B 274 -25.31 21.21 -15.01
N GLU B 275 -24.09 21.49 -15.45
CA GLU B 275 -23.62 22.85 -15.69
C GLU B 275 -24.30 23.41 -16.93
N ALA B 276 -24.32 22.63 -18.01
CA ALA B 276 -25.00 22.99 -19.28
C ALA B 276 -26.46 23.36 -19.05
N LEU B 277 -27.15 22.57 -18.24
CA LEU B 277 -28.57 22.80 -17.95
C LEU B 277 -28.75 24.11 -17.23
N ALA B 278 -27.88 24.36 -16.25
CA ALA B 278 -27.86 25.64 -15.53
C ALA B 278 -27.70 26.85 -16.47
N CYS B 279 -27.14 26.65 -17.65
CA CYS B 279 -27.15 27.68 -18.70
C CYS B 279 -28.21 27.54 -19.80
N GLY B 280 -29.13 26.60 -19.64
CA GLY B 280 -30.15 26.33 -20.64
C GLY B 280 -29.58 25.74 -21.91
N LEU B 281 -28.52 24.94 -21.77
CA LEU B 281 -27.89 24.32 -22.90
C LEU B 281 -28.28 22.81 -22.95
N PRO B 282 -29.08 22.40 -23.95
CA PRO B 282 -29.48 20.99 -24.09
C PRO B 282 -28.32 20.02 -24.23
N VAL B 283 -28.40 18.88 -23.56
CA VAL B 283 -27.28 17.95 -23.54
C VAL B 283 -27.58 16.75 -24.41
N ILE B 284 -26.62 16.40 -25.26
CA ILE B 284 -26.67 15.17 -26.02
C ILE B 284 -25.65 14.24 -25.37
N ALA B 285 -26.15 13.17 -24.73
CA ALA B 285 -25.29 12.17 -24.06
C ALA B 285 -25.53 10.75 -24.60
N TYR B 286 -24.61 9.84 -24.33
CA TYR B 286 -24.85 8.43 -24.56
C TYR B 286 -25.82 7.93 -23.49
N ALA B 287 -26.79 7.12 -23.90
CA ALA B 287 -27.83 6.60 -23.00
C ALA B 287 -27.23 5.52 -22.11
N ARG B 288 -26.41 5.94 -21.17
CA ARG B 288 -25.51 5.04 -20.48
C ARG B 288 -24.85 5.71 -19.30
N GLY B 289 -25.02 5.09 -18.13
CA GLY B 289 -24.48 5.62 -16.89
C GLY B 289 -25.24 6.84 -16.40
N GLY B 290 -24.51 7.74 -15.77
CA GLY B 290 -25.08 8.91 -15.11
C GLY B 290 -26.11 9.79 -15.81
N PRO B 291 -25.83 10.22 -17.07
CA PRO B 291 -26.72 11.09 -17.83
C PRO B 291 -28.17 10.70 -17.85
N LEU B 292 -28.46 9.41 -17.82
CA LEU B 292 -29.84 8.93 -17.81
C LEU B 292 -30.67 9.43 -16.63
N GLU B 293 -30.04 9.75 -15.50
CA GLU B 293 -30.76 10.22 -14.31
C GLU B 293 -30.79 11.76 -14.21
N ILE B 294 -30.05 12.40 -15.11
CA ILE B 294 -29.98 13.86 -15.23
C ILE B 294 -30.88 14.38 -16.35
N ILE B 295 -30.77 13.78 -17.54
CA ILE B 295 -31.50 14.23 -18.72
C ILE B 295 -32.86 13.55 -18.84
N GLU B 296 -33.86 14.35 -19.21
CA GLU B 296 -35.22 13.87 -19.44
C GLU B 296 -35.42 13.83 -20.96
N GLN B 297 -35.49 12.62 -21.51
CA GLN B 297 -35.40 12.37 -22.97
C GLN B 297 -36.29 13.30 -23.82
N GLY B 298 -35.71 13.83 -24.91
CA GLY B 298 -36.39 14.84 -25.76
C GLY B 298 -37.08 15.98 -25.03
N LYS B 299 -36.53 16.40 -23.88
CA LYS B 299 -37.06 17.56 -23.14
C LYS B 299 -35.91 18.48 -22.66
N SER B 300 -34.98 17.94 -21.86
CA SER B 300 -33.75 18.66 -21.44
C SER B 300 -32.51 18.30 -22.27
N GLY B 301 -32.67 17.37 -23.22
CA GLY B 301 -31.53 16.79 -23.95
C GLY B 301 -31.93 15.56 -24.75
N TRP B 302 -30.96 14.92 -25.39
CA TRP B 302 -31.19 13.65 -26.11
C TRP B 302 -30.29 12.59 -25.54
N LEU B 303 -30.83 11.38 -25.43
CA LEU B 303 -30.12 10.24 -24.90
C LEU B 303 -30.13 9.20 -26.02
N VAL B 304 -28.99 9.04 -26.69
CA VAL B 304 -28.92 8.21 -27.89
C VAL B 304 -28.12 6.96 -27.59
N GLU B 305 -28.19 5.97 -28.46
CA GLU B 305 -27.42 4.75 -28.25
C GLU B 305 -25.93 5.07 -28.32
N PRO B 306 -25.12 4.43 -27.46
CA PRO B 306 -23.65 4.55 -27.52
C PRO B 306 -23.01 4.17 -28.86
N ASP B 307 -21.91 4.85 -29.18
CA ASP B 307 -20.90 4.39 -30.16
C ASP B 307 -21.42 4.21 -31.60
N GLN B 308 -22.18 5.20 -32.05
CA GLN B 308 -22.83 5.17 -33.35
C GLN B 308 -22.09 6.03 -34.39
N GLN B 309 -21.87 7.31 -34.04
CA GLN B 309 -21.35 8.36 -34.95
C GLN B 309 -22.33 8.60 -36.11
N ALA B 310 -23.60 8.73 -35.74
CA ALA B 310 -24.70 8.68 -36.71
C ALA B 310 -25.99 9.04 -36.01
N ALA B 311 -26.20 8.39 -34.87
CA ALA B 311 -27.22 8.78 -33.90
C ALA B 311 -27.01 10.20 -33.37
N LEU B 312 -25.76 10.54 -33.06
CA LEU B 312 -25.40 11.89 -32.59
C LEU B 312 -25.74 12.98 -33.61
N VAL B 313 -25.30 12.75 -34.86
CA VAL B 313 -25.63 13.61 -36.00
C VAL B 313 -27.12 14.04 -35.93
N ASN B 314 -27.99 13.04 -35.86
CA ASN B 314 -29.44 13.20 -35.79
C ASN B 314 -29.87 13.99 -34.56
N ALA B 315 -29.29 13.63 -33.42
CA ALA B 315 -29.58 14.30 -32.15
C ALA B 315 -29.31 15.81 -32.19
N ILE B 316 -28.18 16.18 -32.82
CA ILE B 316 -27.74 17.58 -32.93
C ILE B 316 -28.66 18.39 -33.84
N GLY B 317 -29.15 17.77 -34.91
CA GLY B 317 -30.16 18.38 -35.77
C GLY B 317 -31.55 18.59 -35.16
N GLN B 318 -31.79 18.15 -33.93
CA GLN B 318 -33.13 18.23 -33.32
C GLN B 318 -33.20 19.18 -32.12
N LEU B 319 -32.14 19.96 -31.94
CA LEU B 319 -31.95 20.83 -30.77
C LEU B 319 -32.97 21.96 -30.64
N SER B 320 -33.32 22.58 -31.77
CA SER B 320 -34.24 23.72 -31.77
C SER B 320 -35.61 23.36 -31.18
N SER B 321 -36.00 22.09 -31.33
CA SER B 321 -37.20 21.53 -30.65
C SER B 321 -37.28 21.84 -29.13
N LEU B 322 -36.13 21.72 -28.45
CA LEU B 322 -36.05 21.74 -27.00
C LEU B 322 -36.06 23.16 -26.45
N ASP B 323 -36.92 23.39 -25.48
CA ASP B 323 -37.05 24.69 -24.84
C ASP B 323 -35.85 24.92 -23.97
N ARG B 324 -35.07 25.96 -24.24
CA ARG B 324 -33.84 26.24 -23.44
C ARG B 324 -34.18 26.69 -22.01
N ALA B 325 -35.33 27.36 -21.83
CA ALA B 325 -35.82 27.72 -20.51
C ALA B 325 -36.27 26.50 -19.71
N TYR B 326 -36.59 25.41 -20.40
CA TYR B 326 -36.96 24.18 -19.71
C TYR B 326 -35.72 23.58 -19.03
N CYS B 327 -34.63 23.42 -19.80
CA CYS B 327 -33.34 22.99 -19.27
C CYS B 327 -33.00 23.73 -17.96
N ARG B 328 -33.10 25.06 -18.00
CA ARG B 328 -32.82 25.91 -16.84
C ARG B 328 -33.82 25.68 -15.69
N ALA B 329 -35.05 25.29 -16.03
CA ALA B 329 -36.06 24.98 -15.02
C ALA B 329 -35.78 23.67 -14.28
N GLN B 330 -35.29 22.66 -15.01
CA GLN B 330 -34.93 21.36 -14.42
C GLN B 330 -33.76 21.53 -13.46
N ALA B 331 -32.70 22.17 -13.97
CA ALA B 331 -31.49 22.48 -13.19
C ALA B 331 -31.85 23.07 -11.84
N GLU B 332 -32.74 24.04 -11.84
CA GLU B 332 -33.21 24.63 -10.59
C GLU B 332 -34.09 23.68 -9.78
N ALA B 333 -35.06 23.04 -10.44
CA ALA B 333 -36.01 22.17 -9.75
C ALA B 333 -35.33 21.06 -8.93
N ARG B 334 -34.25 20.49 -9.47
CA ARG B 334 -33.56 19.38 -8.84
C ARG B 334 -32.25 19.77 -8.18
N PHE B 335 -31.37 20.38 -8.97
CA PHE B 335 -29.94 20.41 -8.64
C PHE B 335 -29.44 21.61 -7.83
N SER B 336 -30.28 22.19 -6.99
CA SER B 336 -29.86 23.35 -6.20
C SER B 336 -28.97 22.91 -5.05
N LEU B 337 -28.23 23.86 -4.52
CA LEU B 337 -27.46 23.66 -3.28
C LEU B 337 -28.37 23.50 -2.10
N ALA B 338 -29.45 24.29 -2.05
CA ALA B 338 -30.38 24.30 -0.90
C ALA B 338 -30.98 22.91 -0.61
N ALA B 339 -31.26 22.15 -1.67
CA ALA B 339 -31.83 20.83 -1.51
C ALA B 339 -30.73 19.87 -1.07
N MSE B 340 -29.59 19.94 -1.76
CA MSE B 340 -28.38 19.14 -1.42
C MSE B 340 -27.90 19.41 -0.01
O MSE B 340 -27.25 18.56 0.61
CB MSE B 340 -27.28 19.44 -2.44
CG MSE B 340 -25.91 18.87 -2.14
SE MSE B 340 -26.12 16.94 -1.92
CE MSE B 340 -25.63 16.53 -3.77
N GLY B 341 -28.22 20.60 0.50
CA GLY B 341 -28.04 20.93 1.88
C GLY B 341 -28.70 19.91 2.76
N GLN B 342 -30.03 19.81 2.65
CA GLN B 342 -30.85 18.86 3.47
C GLN B 342 -30.41 17.42 3.36
N ARG B 343 -30.08 17.00 2.14
CA ARG B 343 -29.69 15.63 1.89
C ARG B 343 -28.36 15.24 2.57
N LEU B 344 -27.45 16.21 2.67
CA LEU B 344 -26.17 16.03 3.35
C LEU B 344 -26.39 15.95 4.84
N GLU B 345 -27.22 16.84 5.37
CA GLU B 345 -27.65 16.76 6.79
C GLU B 345 -28.40 15.44 7.16
N ALA B 346 -29.26 14.94 6.25
CA ALA B 346 -29.93 13.63 6.42
C ALA B 346 -29.01 12.43 6.07
N TRP B 347 -27.74 12.70 5.80
CA TRP B 347 -26.73 11.67 5.69
C TRP B 347 -25.78 11.75 6.87
N LEU B 348 -25.29 12.94 7.22
CA LEU B 348 -24.11 13.05 8.10
C LEU B 348 -24.48 13.22 9.55
N LEU B 349 -25.46 14.08 9.83
CA LEU B 349 -25.94 14.29 11.19
C LEU B 349 -26.15 13.02 12.03
N PRO B 350 -26.81 11.99 11.46
CA PRO B 350 -27.03 10.75 12.20
C PRO B 350 -25.76 10.00 12.63
N LEU B 351 -24.66 10.21 11.90
CA LEU B 351 -23.37 9.57 12.16
C LEU B 351 -22.60 10.23 13.30
N LEU B 352 -22.99 11.45 13.64
CA LEU B 352 -22.44 12.12 14.83
C LEU B 352 -22.90 11.44 16.13
N SER B 353 -24.00 10.65 16.07
CA SER B 353 -24.49 9.89 17.22
C SER B 353 -24.30 8.37 17.18
N ARG B 354 -24.53 7.73 16.03
CA ARG B 354 -24.46 6.24 15.92
C ARG B 354 -23.03 5.64 15.95
N1 HBI C . 8.69 -9.05 2.31
N2 HBI C . 7.00 -7.47 2.00
C2 HBI C . 7.69 -8.29 2.84
N3 HBI C . 7.38 -8.35 4.16
C4 HBI C . 8.03 -9.12 5.02
O4 HBI C . 7.74 -9.14 6.25
C4A HBI C . 9.11 -9.96 4.50
C8A HBI C . 9.42 -9.89 3.07
N8 HBI C . 10.38 -10.66 2.54
C7 HBI C . 11.17 -11.59 3.36
C6 HBI C . 10.80 -11.57 4.84
N5 HBI C . 9.81 -10.79 5.29
C9 HBI C . 11.46 -12.46 5.84
O9 HBI C . 11.58 -13.77 5.28
C10 HBI C . 12.85 -12.08 6.24
O10 HBI C . 12.95 -10.66 6.28
C11 HBI C . 13.14 -12.66 7.61
C1 GOL D . 5.66 -2.50 0.30
O1 GOL D . 4.79 -3.26 1.17
C2 GOL D . 7.16 -2.71 0.59
O2 GOL D . 7.45 -4.08 0.89
C3 GOL D . 8.01 -2.27 -0.61
O3 GOL D . 9.39 -2.08 -0.22
N1 HBI E . -8.24 7.40 -9.04
N2 HBI E . -7.02 6.14 -7.50
C2 HBI E . -7.93 7.13 -7.74
N3 HBI E . -8.52 7.82 -6.72
C4 HBI E . -9.42 8.81 -6.93
O4 HBI E . -9.92 9.39 -5.95
C4A HBI E . -9.82 9.15 -8.36
C8A HBI E . -9.15 8.35 -9.42
N8 HBI E . -9.39 8.57 -10.72
C7 HBI E . -10.34 9.60 -11.16
C6 HBI E . -11.00 10.38 -10.02
N5 HBI E . -10.71 10.11 -8.70
C9 HBI E . -11.97 11.45 -10.39
O9 HBI E . -12.02 11.63 -11.82
C10 HBI E . -13.36 11.16 -9.87
O10 HBI E . -13.29 11.01 -8.44
C11 HBI E . -14.33 12.29 -10.22
#